data_6UOB
#
_entry.id   6UOB
#
_cell.length_a   67.270
_cell.length_b   102.620
_cell.length_c   112.900
_cell.angle_alpha   90.000
_cell.angle_beta   90.000
_cell.angle_gamma   90.000
#
_symmetry.space_group_name_H-M   'P 21 21 21'
#
loop_
_entity.id
_entity.type
_entity.pdbx_description
1 polymer 'Histone deacetylase 6'
2 non-polymer PHENYLALANINE
3 non-polymer 'ZINC ION'
4 non-polymer 'POTASSIUM ION'
5 non-polymer Resminostat
6 non-polymer 1,2-ETHANEDIOL
7 water water
#
_entity_poly.entity_id   1
_entity_poly.type   'polypeptide(L)'
_entity_poly.pdbx_seq_one_letter_code
;SNAGGSATGTGLVYVDAFTRFHCLWDASHPECPARVSTVMEMLETEGLLGRCVQVEARAVTEDELLLVHTKEYVELMKST
QNMTEEELKTLAEKYDSVYLHPGFFSSACLSVGSVLQLVDKVMTSQLRNGFSINRPPGHHAQADKMNGFCMFNNLAIAAR
YAQKRHRVQRVLIVDWDVHHGQGIQYIFEEDPSVLYFSVHRYEDGSFWPHLKESDSSSVGSGAGQGYNINLPWNKVGMES
GDYITAFQQLLLPVAYEFQPQLVLVAAGFDAVIGDPLGGMQVSPECFSILTHMLKGVAQGRLVLALEGGYNLQSTAEGVC
ASMRSLLGDPCPHLPSSGAPCESALKSISKTISDLYPFWKSLQTFE
;
_entity_poly.pdbx_strand_id   A,B
#
loop_
_chem_comp.id
_chem_comp.type
_chem_comp.name
_chem_comp.formula
EDO non-polymer 1,2-ETHANEDIOL 'C2 H6 O2'
K non-polymer 'POTASSIUM ION' 'K 1'
P7D non-polymer Resminostat 'C16 H19 N3 O4 S'
ZN non-polymer 'ZINC ION' 'Zn 2'
#
# COMPACT_ATOMS: atom_id res chain seq x y z
N ALA A 7 -20.64 29.61 26.28
CA ALA A 7 -21.32 28.44 26.78
C ALA A 7 -21.89 27.61 25.63
N THR A 8 -22.49 28.26 24.65
CA THR A 8 -23.08 27.56 23.52
C THR A 8 -22.24 27.66 22.26
N GLY A 9 -20.95 27.92 22.41
CA GLY A 9 -20.12 28.20 21.26
C GLY A 9 -19.40 26.99 20.70
N THR A 10 -18.81 27.20 19.53
CA THR A 10 -17.92 26.23 18.90
C THR A 10 -16.49 26.76 19.02
N GLY A 11 -15.60 25.96 19.61
CA GLY A 11 -14.22 26.38 19.74
C GLY A 11 -13.40 26.06 18.50
N LEU A 12 -12.42 26.93 18.23
CA LEU A 12 -11.49 26.75 17.13
C LEU A 12 -10.08 27.04 17.62
N VAL A 13 -9.15 26.14 17.36
CA VAL A 13 -7.74 26.36 17.69
C VAL A 13 -6.94 26.43 16.40
N TYR A 14 -6.14 27.48 16.26
CA TYR A 14 -5.16 27.60 15.19
C TYR A 14 -4.05 28.53 15.68
N VAL A 15 -2.79 28.12 15.48
CA VAL A 15 -1.66 28.98 15.79
C VAL A 15 -0.66 28.94 14.65
N ASP A 16 0.08 30.06 14.50
CA ASP A 16 0.99 30.17 13.35
C ASP A 16 2.08 29.10 13.38
N ALA A 17 2.42 28.59 14.57
CA ALA A 17 3.42 27.52 14.66
C ALA A 17 3.04 26.31 13.81
N PHE A 18 1.75 26.12 13.52
CA PHE A 18 1.35 24.99 12.70
C PHE A 18 1.89 25.08 11.29
N THR A 19 2.38 26.26 10.87
CA THR A 19 2.96 26.43 9.54
C THR A 19 4.48 26.46 9.54
N ARG A 20 5.12 26.35 10.70
CA ARG A 20 6.56 26.61 10.80
C ARG A 20 7.40 25.34 10.76
N PHE A 21 6.92 24.30 10.08
CA PHE A 21 7.73 23.13 9.77
C PHE A 21 7.27 22.57 8.42
N HIS A 22 8.21 21.97 7.70
CA HIS A 22 7.93 21.45 6.36
C HIS A 22 9.07 20.53 5.97
N CYS A 23 8.89 19.81 4.85
CA CYS A 23 9.87 18.84 4.38
C CYS A 23 11.03 19.57 3.73
N LEU A 24 12.21 19.47 4.34
CA LEU A 24 13.39 20.16 3.84
C LEU A 24 13.87 19.58 2.51
N TRP A 25 13.68 18.28 2.30
CA TRP A 25 14.27 17.59 1.16
C TRP A 25 13.24 17.19 0.10
N ASP A 26 12.02 17.72 0.17
CA ASP A 26 11.02 17.43 -0.85
C ASP A 26 10.02 18.59 -0.85
N ALA A 27 10.27 19.56 -1.74
CA ALA A 27 9.45 20.77 -1.81
C ALA A 27 8.01 20.48 -2.19
N SER A 28 7.69 19.27 -2.67
CA SER A 28 6.35 18.93 -3.10
C SER A 28 5.68 17.91 -2.18
N HIS A 29 6.22 17.71 -0.98
CA HIS A 29 5.62 16.77 -0.05
C HIS A 29 4.18 17.19 0.25
N PRO A 30 3.22 16.26 0.22
CA PRO A 30 1.81 16.66 0.39
C PRO A 30 1.47 17.19 1.78
N GLU A 31 2.18 16.79 2.83
CA GLU A 31 1.88 17.26 4.18
C GLU A 31 2.72 18.52 4.39
N CYS A 32 2.08 19.68 4.27
CA CYS A 32 2.78 20.95 4.12
C CYS A 32 2.01 22.05 4.81
N PRO A 33 2.64 23.20 5.06
CA PRO A 33 1.96 24.28 5.79
C PRO A 33 0.72 24.81 5.09
N ALA A 34 0.69 24.80 3.76
CA ALA A 34 -0.44 25.34 3.03
C ALA A 34 -1.74 24.62 3.37
N ARG A 35 -1.64 23.40 3.91
CA ARG A 35 -2.85 22.67 4.29
C ARG A 35 -3.70 23.47 5.27
N VAL A 36 -3.09 23.96 6.35
CA VAL A 36 -3.86 24.62 7.40
C VAL A 36 -4.12 26.08 7.06
N SER A 37 -3.17 26.77 6.43
N SER A 37 -3.15 26.75 6.43
CA SER A 37 -3.43 28.15 6.07
CA SER A 37 -3.36 28.13 6.02
C SER A 37 -4.58 28.26 5.08
C SER A 37 -4.55 28.25 5.07
N THR A 38 -4.65 27.34 4.11
CA THR A 38 -5.78 27.36 3.19
C THR A 38 -7.10 27.12 3.92
N VAL A 39 -7.11 26.19 4.87
CA VAL A 39 -8.33 25.98 5.66
C VAL A 39 -8.74 27.27 6.35
N MET A 40 -7.79 27.94 7.00
CA MET A 40 -8.10 29.16 7.75
C MET A 40 -8.59 30.25 6.82
N GLU A 41 -8.01 30.36 5.63
CA GLU A 41 -8.47 31.38 4.69
C GLU A 41 -9.92 31.13 4.29
N MET A 42 -10.28 29.88 4.00
CA MET A 42 -11.65 29.62 3.58
C MET A 42 -12.64 29.81 4.72
N LEU A 43 -12.26 29.41 5.95
CA LEU A 43 -13.14 29.64 7.10
C LEU A 43 -13.45 31.13 7.26
N GLU A 44 -12.47 31.98 6.93
CA GLU A 44 -12.68 33.41 7.01
C GLU A 44 -13.57 33.91 5.87
N THR A 45 -13.22 33.57 4.63
CA THR A 45 -14.03 34.03 3.50
C THR A 45 -15.47 33.53 3.59
N GLU A 46 -15.70 32.37 4.20
CA GLU A 46 -17.06 31.87 4.39
C GLU A 46 -17.76 32.47 5.60
N GLY A 47 -17.08 33.31 6.37
CA GLY A 47 -17.68 33.89 7.56
C GLY A 47 -17.83 32.95 8.73
N LEU A 48 -17.25 31.75 8.66
CA LEU A 48 -17.36 30.79 9.74
C LEU A 48 -16.36 31.06 10.85
N LEU A 49 -15.17 31.55 10.51
CA LEU A 49 -14.14 31.78 11.52
C LEU A 49 -14.64 32.76 12.57
N GLY A 50 -15.25 33.87 12.14
CA GLY A 50 -15.73 34.87 13.06
C GLY A 50 -16.88 34.42 13.93
N ARG A 51 -17.54 33.33 13.58
CA ARG A 51 -18.61 32.80 14.42
C ARG A 51 -18.12 31.84 15.49
N CYS A 52 -16.84 31.47 15.45
CA CYS A 52 -16.25 30.55 16.40
C CYS A 52 -15.64 31.29 17.59
N VAL A 53 -15.49 30.57 18.69
CA VAL A 53 -14.76 31.06 19.84
C VAL A 53 -13.29 30.64 19.68
N GLN A 54 -12.40 31.62 19.61
CA GLN A 54 -10.99 31.33 19.48
C GLN A 54 -10.46 30.77 20.79
N VAL A 55 -9.83 29.60 20.72
CA VAL A 55 -9.24 28.94 21.88
C VAL A 55 -7.74 28.86 21.64
N GLU A 56 -6.96 29.22 22.64
CA GLU A 56 -5.50 29.25 22.46
C GLU A 56 -4.93 27.85 22.53
N ALA A 57 -3.90 27.61 21.73
CA ALA A 57 -3.16 26.36 21.83
C ALA A 57 -2.23 26.40 23.04
N ARG A 58 -1.73 25.23 23.42
N ARG A 58 -1.74 25.22 23.42
CA ARG A 58 -0.75 25.11 24.48
CA ARG A 58 -0.74 25.11 24.47
C ARG A 58 0.09 23.87 24.21
C ARG A 58 0.10 23.87 24.19
N ALA A 59 1.31 23.84 24.75
CA ALA A 59 2.17 22.68 24.58
C ALA A 59 1.74 21.57 25.52
N VAL A 60 1.59 20.36 24.96
CA VAL A 60 1.45 19.18 25.79
C VAL A 60 2.64 19.07 26.74
N THR A 61 2.37 18.53 27.94
CA THR A 61 3.44 18.26 28.90
C THR A 61 4.04 16.89 28.66
N GLU A 62 5.22 16.67 29.24
CA GLU A 62 5.84 15.35 29.19
C GLU A 62 4.92 14.28 29.75
N ASP A 63 4.34 14.52 30.93
CA ASP A 63 3.47 13.53 31.54
C ASP A 63 2.27 13.21 30.66
N GLU A 64 1.74 14.22 29.97
CA GLU A 64 0.61 13.95 29.06
C GLU A 64 1.05 13.06 27.90
N LEU A 65 2.20 13.37 27.29
CA LEU A 65 2.71 12.49 26.24
C LEU A 65 2.90 11.07 26.75
N LEU A 66 3.36 10.91 28.00
CA LEU A 66 3.62 9.58 28.55
C LEU A 66 2.34 8.79 28.83
N LEU A 67 1.16 9.40 28.68
CA LEU A 67 -0.07 8.62 28.73
C LEU A 67 -0.11 7.60 27.60
N VAL A 68 0.63 7.84 26.53
CA VAL A 68 0.58 7.04 25.32
C VAL A 68 1.96 6.59 24.87
N HIS A 69 2.96 7.47 24.96
CA HIS A 69 4.27 7.21 24.36
C HIS A 69 5.30 6.84 25.44
N THR A 70 6.37 6.18 24.99
CA THR A 70 7.41 5.79 25.92
C THR A 70 8.36 6.95 26.19
N LYS A 71 8.99 6.91 27.37
CA LYS A 71 9.97 7.92 27.74
C LYS A 71 11.12 7.95 26.75
N GLU A 72 11.59 6.78 26.33
CA GLU A 72 12.68 6.72 25.36
C GLU A 72 12.30 7.45 24.07
N TYR A 73 11.09 7.19 23.57
CA TYR A 73 10.68 7.80 22.31
C TYR A 73 10.48 9.31 22.46
N VAL A 74 9.90 9.74 23.58
CA VAL A 74 9.70 11.16 23.80
C VAL A 74 11.03 11.89 23.85
N GLU A 75 12.02 11.31 24.53
CA GLU A 75 13.34 11.91 24.60
C GLU A 75 13.97 12.01 23.21
N LEU A 76 13.85 10.95 22.42
CA LEU A 76 14.40 10.98 21.06
C LEU A 76 13.75 12.07 20.24
N MET A 77 12.42 12.17 20.31
CA MET A 77 11.73 13.22 19.56
C MET A 77 12.11 14.61 20.07
N LYS A 78 12.18 14.77 21.39
CA LYS A 78 12.64 16.04 21.94
C LYS A 78 14.02 16.42 21.40
N SER A 79 14.88 15.42 21.14
CA SER A 79 16.24 15.73 20.68
C SER A 79 16.32 16.16 19.23
N THR A 80 15.26 15.96 18.44
CA THR A 80 15.32 16.33 17.02
C THR A 80 15.38 17.83 16.81
N GLN A 81 15.02 18.63 17.81
CA GLN A 81 15.05 20.08 17.66
C GLN A 81 16.47 20.62 17.55
N ASN A 82 17.48 19.80 17.85
CA ASN A 82 18.87 20.24 17.81
C ASN A 82 19.68 19.54 16.73
N MET A 83 19.03 18.76 15.87
CA MET A 83 19.73 17.95 14.88
C MET A 83 19.99 18.74 13.60
N THR A 84 21.08 18.37 12.93
CA THR A 84 21.35 18.82 11.58
C THR A 84 20.34 18.20 10.61
N GLU A 85 20.20 18.84 9.45
CA GLU A 85 19.32 18.27 8.42
C GLU A 85 19.73 16.84 8.09
N GLU A 86 21.03 16.56 8.01
CA GLU A 86 21.49 15.21 7.72
C GLU A 86 21.08 14.22 8.82
N GLU A 87 21.16 14.65 10.09
CA GLU A 87 20.74 13.77 11.18
C GLU A 87 19.23 13.57 11.16
N LEU A 88 18.47 14.62 10.84
CA LEU A 88 17.02 14.49 10.73
C LEU A 88 16.64 13.51 9.63
N LYS A 89 17.30 13.57 8.48
CA LYS A 89 16.98 12.65 7.40
C LYS A 89 17.32 11.22 7.78
N THR A 90 18.50 11.01 8.39
CA THR A 90 18.88 9.67 8.82
C THR A 90 17.87 9.09 9.79
N LEU A 91 17.36 9.89 10.72
CA LEU A 91 16.38 9.36 11.67
C LEU A 91 15.03 9.18 11.01
N ALA A 92 14.61 10.14 10.19
CA ALA A 92 13.30 10.02 9.53
C ALA A 92 13.22 8.73 8.72
N GLU A 93 14.33 8.32 8.10
CA GLU A 93 14.31 7.14 7.26
C GLU A 93 14.24 5.83 8.05
N LYS A 94 14.39 5.86 9.37
CA LYS A 94 14.18 4.67 10.18
C LYS A 94 12.70 4.37 10.42
N TYR A 95 11.81 5.25 9.99
CA TYR A 95 10.38 5.06 10.16
C TYR A 95 9.71 4.98 8.80
N ASP A 96 8.45 4.55 8.80
CA ASP A 96 7.66 4.45 7.57
C ASP A 96 7.01 5.78 7.26
N SER A 97 7.48 6.43 6.19
N SER A 97 7.49 6.44 6.19
CA SER A 97 6.79 7.58 5.60
CA SER A 97 6.82 7.59 5.60
C SER A 97 6.69 8.79 6.52
C SER A 97 6.68 8.76 6.58
N VAL A 98 7.82 9.31 6.98
CA VAL A 98 7.85 10.54 7.76
C VAL A 98 9.00 11.42 7.27
N TYR A 99 8.90 12.70 7.56
CA TYR A 99 10.04 13.59 7.48
C TYR A 99 10.20 14.28 8.83
N LEU A 100 11.35 14.90 9.05
CA LEU A 100 11.61 15.64 10.27
C LEU A 100 12.14 17.03 9.93
N HIS A 101 12.11 17.91 10.92
CA HIS A 101 12.40 19.33 10.72
C HIS A 101 12.68 19.93 12.09
N PRO A 102 13.58 20.92 12.19
CA PRO A 102 13.94 21.43 13.52
C PRO A 102 12.75 21.90 14.35
N GLY A 103 11.67 22.33 13.71
CA GLY A 103 10.48 22.75 14.42
C GLY A 103 9.40 21.71 14.57
N PHE A 104 9.65 20.49 14.10
CA PHE A 104 8.60 19.46 14.11
C PHE A 104 8.13 19.15 15.53
N PHE A 105 9.08 18.91 16.45
CA PHE A 105 8.71 18.55 17.81
C PHE A 105 7.90 19.67 18.47
N SER A 106 8.35 20.91 18.33
CA SER A 106 7.61 22.03 18.92
C SER A 106 6.19 22.11 18.38
N SER A 107 6.05 21.99 17.06
N SER A 107 6.05 22.01 17.04
CA SER A 107 4.72 22.06 16.45
CA SER A 107 4.72 22.06 16.45
C SER A 107 3.89 20.84 16.83
C SER A 107 3.89 20.85 16.86
N ALA A 108 4.51 19.67 16.94
CA ALA A 108 3.78 18.48 17.34
C ALA A 108 3.23 18.60 18.76
N CYS A 109 3.99 19.24 19.65
CA CYS A 109 3.51 19.41 21.03
C CYS A 109 2.32 20.36 21.09
N LEU A 110 2.34 21.42 20.26
CA LEU A 110 1.19 22.31 20.18
C LEU A 110 0.01 21.63 19.49
N SER A 111 0.28 20.70 18.57
CA SER A 111 -0.79 19.99 17.90
C SER A 111 -1.55 19.10 18.88
N VAL A 112 -0.84 18.35 19.74
CA VAL A 112 -1.51 17.61 20.81
C VAL A 112 -2.25 18.57 21.72
N GLY A 113 -1.57 19.63 22.16
CA GLY A 113 -2.13 20.53 23.15
C GLY A 113 -3.40 21.23 22.67
N SER A 114 -3.51 21.50 21.36
N SER A 114 -3.50 21.48 21.37
CA SER A 114 -4.70 22.14 20.83
CA SER A 114 -4.69 22.15 20.85
C SER A 114 -5.93 21.28 21.09
C SER A 114 -5.93 21.29 21.06
N VAL A 115 -5.78 19.97 20.98
CA VAL A 115 -6.91 19.08 21.24
C VAL A 115 -7.23 19.06 22.72
N LEU A 116 -6.22 19.03 23.58
CA LEU A 116 -6.48 19.01 25.03
C LEU A 116 -7.23 20.28 25.46
N GLN A 117 -6.89 21.42 24.85
CA GLN A 117 -7.53 22.68 25.19
C GLN A 117 -9.02 22.65 24.88
N LEU A 118 -9.38 22.09 23.71
CA LEU A 118 -10.78 21.94 23.38
C LEU A 118 -11.47 20.94 24.29
N VAL A 119 -10.78 19.84 24.63
CA VAL A 119 -11.39 18.87 25.54
C VAL A 119 -11.72 19.53 26.87
N ASP A 120 -10.82 20.38 27.39
CA ASP A 120 -11.10 21.09 28.63
C ASP A 120 -12.39 21.91 28.52
N LYS A 121 -12.52 22.70 27.45
CA LYS A 121 -13.68 23.57 27.32
C LYS A 121 -14.97 22.76 27.17
N VAL A 122 -14.92 21.68 26.40
CA VAL A 122 -16.12 20.91 26.12
C VAL A 122 -16.56 20.11 27.34
N MET A 123 -15.62 19.51 28.08
CA MET A 123 -15.99 18.71 29.23
C MET A 123 -16.44 19.56 30.42
N THR A 124 -16.05 20.84 30.47
CA THR A 124 -16.52 21.74 31.51
C THR A 124 -17.69 22.59 31.07
N SER A 125 -18.30 22.27 29.93
CA SER A 125 -19.50 22.94 29.44
C SER A 125 -19.27 24.41 29.16
N GLN A 126 -18.03 24.81 28.86
CA GLN A 126 -17.76 26.17 28.42
C GLN A 126 -17.97 26.33 26.93
N LEU A 127 -17.85 25.25 26.17
CA LEU A 127 -18.17 25.23 24.75
C LEU A 127 -18.99 23.99 24.47
N ARG A 128 -19.77 24.03 23.38
CA ARG A 128 -20.55 22.87 22.98
C ARG A 128 -19.70 21.83 22.28
N ASN A 129 -18.73 22.27 21.50
CA ASN A 129 -17.93 21.38 20.65
C ASN A 129 -16.75 22.20 20.14
N GLY A 130 -15.88 21.57 19.34
CA GLY A 130 -14.73 22.32 18.86
C GLY A 130 -14.01 21.60 17.73
N PHE A 131 -13.14 22.36 17.06
CA PHE A 131 -12.34 21.83 15.95
C PHE A 131 -10.93 22.41 16.08
N SER A 132 -9.92 21.56 16.12
CA SER A 132 -8.55 22.05 16.06
CA SER A 132 -8.54 22.03 16.06
C SER A 132 -8.03 21.95 14.62
N ILE A 133 -7.51 23.06 14.11
CA ILE A 133 -6.98 23.10 12.75
C ILE A 133 -5.48 22.88 12.87
N ASN A 134 -5.07 21.66 13.22
CA ASN A 134 -3.71 21.38 13.62
C ASN A 134 -2.96 20.54 12.60
N ARG A 135 -1.63 20.74 12.57
CA ARG A 135 -0.67 19.81 12.01
C ARG A 135 0.58 19.88 12.87
N PRO A 136 1.34 18.78 12.98
CA PRO A 136 1.18 17.52 12.25
C PRO A 136 -0.01 16.69 12.70
N PRO A 137 -0.41 15.76 11.85
CA PRO A 137 -1.47 14.82 12.21
C PRO A 137 -0.98 13.80 13.22
N GLY A 138 -1.88 12.93 13.70
CA GLY A 138 -1.54 12.03 14.78
C GLY A 138 -1.93 10.56 14.66
N HIS A 139 -2.91 10.19 13.82
CA HIS A 139 -3.56 8.91 14.08
C HIS A 139 -2.69 7.70 13.74
N HIS A 140 -1.55 7.88 13.06
CA HIS A 140 -0.65 6.78 12.80
C HIS A 140 0.46 6.65 13.84
N ALA A 141 0.69 7.67 14.65
CA ALA A 141 1.78 7.63 15.61
C ALA A 141 1.57 6.51 16.62
N GLN A 142 2.66 5.93 17.07
CA GLN A 142 2.60 4.75 17.94
C GLN A 142 3.41 5.00 19.21
N ALA A 143 3.28 4.07 20.16
CA ALA A 143 3.88 4.27 21.47
C ALA A 143 5.36 4.63 21.37
N ASP A 144 6.10 4.00 20.44
CA ASP A 144 7.54 4.24 20.37
C ASP A 144 8.04 4.50 18.96
N LYS A 145 7.20 5.00 18.05
CA LYS A 145 7.72 5.32 16.73
C LYS A 145 6.84 6.33 16.01
N MET A 146 7.49 7.11 15.15
CA MET A 146 6.78 7.93 14.18
C MET A 146 6.21 7.03 13.08
N ASN A 147 5.23 7.56 12.36
CA ASN A 147 4.63 6.79 11.28
C ASN A 147 3.69 7.69 10.49
N GLY A 148 3.72 7.57 9.17
CA GLY A 148 2.71 8.19 8.32
C GLY A 148 2.49 9.67 8.58
N PHE A 149 3.58 10.44 8.60
CA PHE A 149 3.57 11.90 8.75
C PHE A 149 3.28 12.32 10.19
N CYS A 150 3.21 11.39 11.15
CA CYS A 150 2.79 11.65 12.52
C CYS A 150 3.92 11.39 13.51
N MET A 151 4.03 12.26 14.52
CA MET A 151 4.97 12.10 15.63
C MET A 151 4.30 11.66 16.93
N PHE A 152 3.22 12.32 17.33
CA PHE A 152 2.52 11.99 18.55
C PHE A 152 1.06 11.74 18.22
N ASN A 153 0.41 10.85 18.97
CA ASN A 153 -0.96 10.47 18.61
C ASN A 153 -1.93 11.40 19.31
N ASN A 154 -2.24 12.51 18.63
CA ASN A 154 -3.07 13.58 19.18
C ASN A 154 -4.31 13.04 19.88
N LEU A 155 -5.11 12.24 19.17
CA LEU A 155 -6.39 11.86 19.77
C LEU A 155 -6.24 10.76 20.81
N ALA A 156 -5.26 9.87 20.67
CA ALA A 156 -5.08 8.87 21.73
C ALA A 156 -4.69 9.55 23.03
N ILE A 157 -3.78 10.53 22.96
CA ILE A 157 -3.44 11.29 24.16
C ILE A 157 -4.66 12.00 24.71
N ALA A 158 -5.45 12.62 23.82
CA ALA A 158 -6.62 13.37 24.27
C ALA A 158 -7.62 12.47 24.97
N ALA A 159 -7.80 11.25 24.47
CA ALA A 159 -8.74 10.33 25.10
C ALA A 159 -8.29 9.97 26.52
N ARG A 160 -7.01 9.62 26.67
CA ARG A 160 -6.53 9.27 28.00
C ARG A 160 -6.50 10.47 28.91
N TYR A 161 -6.20 11.64 28.37
CA TYR A 161 -6.26 12.88 29.15
C TYR A 161 -7.68 13.13 29.67
N ALA A 162 -8.68 12.97 28.80
CA ALA A 162 -10.06 13.15 29.23
C ALA A 162 -10.41 12.20 30.37
N GLN A 163 -9.89 10.97 30.30
CA GLN A 163 -10.18 10.00 31.34
C GLN A 163 -9.52 10.38 32.66
N LYS A 164 -8.27 10.84 32.58
CA LYS A 164 -7.54 11.16 33.80
C LYS A 164 -7.96 12.51 34.39
N ARG A 165 -8.03 13.54 33.55
CA ARG A 165 -8.25 14.91 34.03
C ARG A 165 -9.72 15.20 34.31
N HIS A 166 -10.62 14.65 33.50
CA HIS A 166 -12.04 14.96 33.61
C HIS A 166 -12.87 13.76 34.06
N ARG A 167 -12.22 12.68 34.48
CA ARG A 167 -12.88 11.46 34.96
C ARG A 167 -13.93 10.96 33.98
N VAL A 168 -13.63 11.10 32.69
CA VAL A 168 -14.45 10.48 31.66
C VAL A 168 -14.26 8.96 31.73
N GLN A 169 -15.38 8.24 31.70
CA GLN A 169 -15.31 6.78 31.69
C GLN A 169 -15.10 6.23 30.28
N ARG A 170 -15.86 6.74 29.30
CA ARG A 170 -15.93 6.15 27.97
C ARG A 170 -15.74 7.21 26.90
N VAL A 171 -14.80 6.96 25.98
CA VAL A 171 -14.52 7.84 24.86
C VAL A 171 -14.76 7.06 23.57
N LEU A 172 -15.46 7.68 22.62
CA LEU A 172 -15.61 7.16 21.26
C LEU A 172 -14.65 7.92 20.35
N ILE A 173 -13.83 7.21 19.59
CA ILE A 173 -12.97 7.83 18.57
C ILE A 173 -13.48 7.37 17.22
N VAL A 174 -13.86 8.34 16.37
CA VAL A 174 -14.35 8.09 15.03
C VAL A 174 -13.31 8.61 14.05
N ASP A 175 -12.80 7.74 13.19
CA ASP A 175 -11.69 8.08 12.30
C ASP A 175 -12.19 7.94 10.86
N TRP A 176 -12.49 9.08 10.23
CA TRP A 176 -13.01 9.07 8.86
C TRP A 176 -11.97 9.51 7.84
N ASP A 177 -10.72 9.71 8.27
CA ASP A 177 -9.61 9.76 7.34
C ASP A 177 -9.62 8.53 6.45
N VAL A 178 -9.14 8.67 5.21
CA VAL A 178 -9.20 7.57 4.26
C VAL A 178 -8.23 6.45 4.66
N HIS A 179 -7.25 6.75 5.51
CA HIS A 179 -6.31 5.74 5.97
C HIS A 179 -6.75 5.17 7.32
N HIS A 180 -6.36 3.92 7.56
CA HIS A 180 -6.54 3.31 8.87
C HIS A 180 -5.62 3.93 9.89
N GLY A 181 -6.18 4.40 11.01
CA GLY A 181 -5.41 4.92 12.12
C GLY A 181 -4.90 3.79 12.98
N GLN A 182 -3.98 2.98 12.43
CA GLN A 182 -3.52 1.80 13.15
C GLN A 182 -2.87 2.17 14.48
N GLY A 183 -2.27 3.36 14.58
CA GLY A 183 -1.71 3.78 15.86
C GLY A 183 -2.76 3.85 16.95
N ILE A 184 -3.93 4.45 16.65
CA ILE A 184 -5.00 4.49 17.63
C ILE A 184 -5.48 3.07 17.95
N GLN A 185 -5.66 2.25 16.93
CA GLN A 185 -6.10 0.88 17.16
C GLN A 185 -5.16 0.17 18.12
N TYR A 186 -3.86 0.27 17.86
CA TYR A 186 -2.88 -0.43 18.68
C TYR A 186 -2.94 0.02 20.13
N ILE A 187 -3.00 1.33 20.34
CA ILE A 187 -2.95 1.88 21.70
C ILE A 187 -4.13 1.37 22.53
N PHE A 188 -5.31 1.23 21.91
CA PHE A 188 -6.52 0.88 22.65
C PHE A 188 -7.02 -0.54 22.37
N GLU A 189 -6.20 -1.37 21.74
CA GLU A 189 -6.63 -2.69 21.28
C GLU A 189 -7.25 -3.53 22.39
N GLU A 190 -6.71 -3.43 23.61
CA GLU A 190 -7.20 -4.24 24.73
C GLU A 190 -8.06 -3.45 25.68
N ASP A 191 -8.51 -2.27 25.27
CA ASP A 191 -9.13 -1.31 26.18
C ASP A 191 -10.60 -1.13 25.82
N PRO A 192 -11.54 -1.64 26.63
CA PRO A 192 -12.96 -1.46 26.32
C PRO A 192 -13.51 -0.10 26.71
N SER A 193 -12.70 0.79 27.32
CA SER A 193 -13.17 2.13 27.67
C SER A 193 -13.00 3.14 26.54
N VAL A 194 -12.27 2.80 25.49
CA VAL A 194 -12.13 3.68 24.33
C VAL A 194 -12.52 2.85 23.12
N LEU A 195 -13.67 3.20 22.53
CA LEU A 195 -14.16 2.52 21.32
C LEU A 195 -13.57 3.22 20.11
N TYR A 196 -12.82 2.47 19.29
CA TYR A 196 -12.21 3.01 18.07
C TYR A 196 -12.98 2.50 16.86
N PHE A 197 -13.46 3.42 16.03
CA PHE A 197 -14.11 3.11 14.76
C PHE A 197 -13.30 3.74 13.64
N SER A 198 -12.93 2.96 12.64
CA SER A 198 -12.23 3.50 11.48
C SER A 198 -12.91 3.00 10.21
N VAL A 199 -13.20 3.93 9.31
CA VAL A 199 -13.59 3.61 7.94
C VAL A 199 -12.43 4.04 7.05
N HIS A 200 -11.99 3.14 6.17
CA HIS A 200 -10.75 3.42 5.43
C HIS A 200 -10.66 2.56 4.17
N ARG A 201 -9.92 3.09 3.20
CA ARG A 201 -9.54 2.31 2.03
C ARG A 201 -8.60 1.19 2.44
N TYR A 202 -8.81 0.00 1.88
CA TYR A 202 -8.05 -1.19 2.26
C TYR A 202 -7.60 -1.99 1.04
N GLU A 203 -8.55 -2.41 0.20
CA GLU A 203 -8.25 -3.14 -1.03
C GLU A 203 -7.39 -4.38 -0.73
N ASP A 204 -7.86 -5.17 0.23
CA ASP A 204 -7.20 -6.42 0.60
C ASP A 204 -5.77 -6.18 1.09
N GLY A 205 -5.48 -4.99 1.62
CA GLY A 205 -4.15 -4.67 2.06
C GLY A 205 -3.26 -3.99 1.03
N SER A 206 -3.73 -3.84 -0.21
N SER A 206 -3.74 -3.84 -0.21
CA SER A 206 -2.87 -3.18 -1.19
CA SER A 206 -2.96 -3.18 -1.24
C SER A 206 -2.77 -1.67 -0.97
C SER A 206 -2.78 -1.69 -0.96
N PHE A 207 -3.67 -1.09 -0.19
CA PHE A 207 -3.59 0.32 0.17
C PHE A 207 -2.84 0.48 1.48
N TRP A 208 -1.94 1.45 1.55
CA TRP A 208 -1.15 1.68 2.76
C TRP A 208 -2.10 1.91 3.96
N PRO A 209 -1.76 1.41 5.17
CA PRO A 209 -0.48 0.81 5.59
C PRO A 209 -0.36 -0.72 5.44
N HIS A 210 -1.17 -1.31 4.57
CA HIS A 210 -0.99 -2.71 4.16
C HIS A 210 -1.04 -3.71 5.31
N LEU A 211 -1.95 -3.53 6.27
CA LEU A 211 -2.00 -4.35 7.46
C LEU A 211 -3.24 -5.22 7.44
N LYS A 212 -3.05 -6.53 7.69
CA LYS A 212 -4.20 -7.40 7.92
C LYS A 212 -5.02 -6.91 9.11
N GLU A 213 -4.36 -6.28 10.10
CA GLU A 213 -5.07 -5.75 11.27
C GLU A 213 -6.01 -4.60 10.91
N SER A 214 -5.98 -4.14 9.67
CA SER A 214 -6.93 -3.11 9.21
C SER A 214 -8.23 -3.70 8.70
N ASP A 215 -8.33 -5.02 8.64
CA ASP A 215 -9.54 -5.70 8.20
C ASP A 215 -10.56 -5.74 9.33
N SER A 216 -11.81 -6.05 8.98
CA SER A 216 -12.85 -6.00 10.00
C SER A 216 -12.78 -7.15 10.98
N SER A 217 -11.96 -8.17 10.70
CA SER A 217 -11.76 -9.27 11.65
C SER A 217 -11.00 -8.84 12.91
N SER A 218 -10.34 -7.69 12.89
N SER A 218 -10.36 -7.68 12.90
CA SER A 218 -9.66 -7.14 14.07
CA SER A 218 -9.66 -7.17 14.08
C SER A 218 -10.67 -6.38 14.92
C SER A 218 -10.66 -6.38 14.92
N VAL A 219 -11.24 -7.05 15.92
CA VAL A 219 -12.32 -6.46 16.72
C VAL A 219 -11.85 -6.09 18.12
N GLY A 220 -10.55 -6.10 18.36
CA GLY A 220 -10.01 -5.95 19.70
C GLY A 220 -9.68 -7.29 20.31
N SER A 221 -8.93 -7.24 21.41
CA SER A 221 -8.45 -8.49 22.01
C SER A 221 -8.48 -8.37 23.51
N GLY A 222 -8.42 -9.52 24.18
CA GLY A 222 -8.46 -9.50 25.63
C GLY A 222 -9.74 -8.86 26.11
N ALA A 223 -9.60 -7.91 27.04
CA ALA A 223 -10.74 -7.18 27.58
C ALA A 223 -11.38 -6.24 26.57
N GLY A 224 -10.75 -6.03 25.43
CA GLY A 224 -11.20 -5.06 24.45
C GLY A 224 -12.00 -5.62 23.30
N GLN A 225 -12.42 -6.88 23.38
CA GLN A 225 -13.11 -7.49 22.24
C GLN A 225 -14.45 -6.78 22.03
N GLY A 226 -14.69 -6.37 20.78
CA GLY A 226 -15.86 -5.63 20.41
C GLY A 226 -15.67 -4.13 20.39
N TYR A 227 -14.52 -3.63 20.87
CA TYR A 227 -14.35 -2.19 21.01
C TYR A 227 -13.37 -1.62 20.00
N ASN A 228 -13.11 -2.37 18.93
CA ASN A 228 -12.37 -1.89 17.78
C ASN A 228 -13.15 -2.29 16.55
N ILE A 229 -13.54 -1.30 15.74
CA ILE A 229 -14.42 -1.54 14.60
C ILE A 229 -13.78 -0.97 13.35
N ASN A 230 -13.35 -1.85 12.43
CA ASN A 230 -12.78 -1.45 11.15
C ASN A 230 -13.78 -1.67 10.03
N LEU A 231 -13.98 -0.66 9.20
CA LEU A 231 -14.79 -0.76 7.99
C LEU A 231 -13.87 -0.57 6.79
N PRO A 232 -13.39 -1.64 6.17
CA PRO A 232 -12.43 -1.51 5.06
C PRO A 232 -13.13 -1.46 3.71
N TRP A 233 -12.80 -0.46 2.91
CA TRP A 233 -13.30 -0.37 1.54
C TRP A 233 -12.38 -1.15 0.62
N ASN A 234 -12.97 -1.92 -0.28
CA ASN A 234 -12.17 -2.70 -1.21
C ASN A 234 -12.37 -2.27 -2.65
N LYS A 235 -12.97 -1.10 -2.88
CA LYS A 235 -13.03 -0.46 -4.18
C LYS A 235 -12.87 1.04 -3.99
N VAL A 236 -12.22 1.68 -4.95
CA VAL A 236 -12.06 3.13 -4.88
C VAL A 236 -13.35 3.80 -5.36
N GLY A 237 -13.42 5.12 -5.25
CA GLY A 237 -14.59 5.83 -5.74
C GLY A 237 -15.79 5.84 -4.83
N MET A 238 -15.63 5.57 -3.54
CA MET A 238 -16.77 5.61 -2.63
C MET A 238 -17.34 7.02 -2.55
N GLU A 239 -18.64 7.09 -2.28
CA GLU A 239 -19.38 8.34 -2.34
C GLU A 239 -20.10 8.57 -1.02
N SER A 240 -20.73 9.75 -0.93
N SER A 240 -20.74 9.74 -0.94
CA SER A 240 -21.42 10.14 0.29
CA SER A 240 -21.43 10.14 0.29
C SER A 240 -22.39 9.06 0.77
C SER A 240 -22.40 9.08 0.77
N GLY A 241 -23.13 8.45 -0.15
CA GLY A 241 -24.10 7.45 0.25
C GLY A 241 -23.48 6.25 0.95
N ASP A 242 -22.27 5.87 0.55
CA ASP A 242 -21.58 4.76 1.20
C ASP A 242 -21.27 5.10 2.65
N TYR A 243 -20.82 6.35 2.90
CA TYR A 243 -20.52 6.78 4.27
C TYR A 243 -21.79 6.97 5.09
N ILE A 244 -22.84 7.53 4.49
CA ILE A 244 -24.07 7.75 5.25
C ILE A 244 -24.67 6.42 5.68
N THR A 245 -24.64 5.42 4.79
CA THR A 245 -25.18 4.11 5.13
C THR A 245 -24.37 3.49 6.26
N ALA A 246 -23.05 3.56 6.17
CA ALA A 246 -22.20 2.98 7.21
C ALA A 246 -22.46 3.62 8.56
N PHE A 247 -22.63 4.95 8.57
CA PHE A 247 -22.90 5.63 9.84
C PHE A 247 -24.28 5.27 10.38
N GLN A 248 -25.30 5.23 9.51
CA GLN A 248 -26.66 5.00 10.01
C GLN A 248 -26.83 3.59 10.57
N GLN A 249 -26.25 2.58 9.92
CA GLN A 249 -26.58 1.21 10.25
C GLN A 249 -25.46 0.45 10.94
N LEU A 250 -24.29 1.05 11.12
CA LEU A 250 -23.20 0.41 11.86
C LEU A 250 -22.71 1.32 12.98
N LEU A 251 -22.18 2.50 12.65
CA LEU A 251 -21.49 3.29 13.68
C LEU A 251 -22.46 3.86 14.71
N LEU A 252 -23.52 4.56 14.26
CA LEU A 252 -24.35 5.23 15.28
C LEU A 252 -25.12 4.25 16.17
N PRO A 253 -25.66 3.13 15.65
CA PRO A 253 -26.27 2.15 16.58
C PRO A 253 -25.31 1.70 17.67
N VAL A 254 -24.06 1.40 17.31
CA VAL A 254 -23.05 1.04 18.31
C VAL A 254 -22.75 2.22 19.23
N ALA A 255 -22.65 3.43 18.68
CA ALA A 255 -22.31 4.58 19.51
C ALA A 255 -23.35 4.79 20.60
N TYR A 256 -24.64 4.71 20.25
CA TYR A 256 -25.67 4.91 21.26
C TYR A 256 -25.66 3.78 22.29
N GLU A 257 -25.33 2.55 21.87
CA GLU A 257 -25.25 1.45 22.84
C GLU A 257 -24.04 1.62 23.77
N PHE A 258 -22.93 2.14 23.25
CA PHE A 258 -21.72 2.34 24.04
C PHE A 258 -21.88 3.49 25.04
N GLN A 259 -22.70 4.48 24.73
CA GLN A 259 -22.95 5.61 25.62
C GLN A 259 -21.65 6.33 25.97
N PRO A 260 -20.92 6.83 24.97
CA PRO A 260 -19.69 7.58 25.28
C PRO A 260 -20.00 8.88 26.01
N GLN A 261 -19.01 9.39 26.72
CA GLN A 261 -19.13 10.68 27.37
C GLN A 261 -18.35 11.77 26.64
N LEU A 262 -17.58 11.38 25.62
CA LEU A 262 -16.84 12.30 24.78
C LEU A 262 -16.65 11.61 23.43
N VAL A 263 -16.77 12.38 22.35
CA VAL A 263 -16.50 11.87 21.01
C VAL A 263 -15.34 12.68 20.43
N LEU A 264 -14.31 11.97 19.99
CA LEU A 264 -13.19 12.59 19.30
C LEU A 264 -13.20 12.10 17.86
N VAL A 265 -13.02 13.01 16.92
CA VAL A 265 -13.03 12.66 15.50
C VAL A 265 -11.64 12.89 14.92
N ALA A 266 -11.07 11.83 14.35
CA ALA A 266 -9.88 11.95 13.51
C ALA A 266 -10.38 12.43 12.17
N ALA A 267 -10.43 13.76 12.03
CA ALA A 267 -11.13 14.42 10.92
C ALA A 267 -10.12 14.67 9.81
N GLY A 268 -9.82 13.61 9.09
CA GLY A 268 -9.08 13.73 7.85
C GLY A 268 -10.02 13.95 6.67
N PHE A 269 -9.51 14.56 5.61
CA PHE A 269 -10.37 14.82 4.46
C PHE A 269 -9.76 14.30 3.16
N ASP A 270 -8.89 13.27 3.27
CA ASP A 270 -8.37 12.65 2.06
C ASP A 270 -9.34 11.63 1.45
N ALA A 271 -10.55 11.48 2.01
CA ALA A 271 -11.60 10.76 1.28
C ALA A 271 -12.44 11.69 0.40
N VAL A 272 -12.16 13.00 0.42
CA VAL A 272 -12.96 13.94 -0.37
C VAL A 272 -12.54 13.87 -1.84
N ILE A 273 -13.52 14.11 -2.71
CA ILE A 273 -13.29 14.29 -4.14
C ILE A 273 -12.07 15.18 -4.36
N GLY A 274 -11.14 14.72 -5.19
CA GLY A 274 -9.99 15.52 -5.58
C GLY A 274 -8.72 15.26 -4.78
N ASP A 275 -8.79 14.50 -3.70
CA ASP A 275 -7.57 14.25 -2.93
C ASP A 275 -6.59 13.45 -3.78
N PRO A 276 -5.30 13.82 -3.76
CA PRO A 276 -4.31 13.10 -4.58
C PRO A 276 -3.91 11.75 -4.03
N LEU A 277 -4.22 11.46 -2.77
CA LEU A 277 -3.83 10.21 -2.14
C LEU A 277 -5.00 9.25 -1.88
N GLY A 278 -6.23 9.77 -1.74
CA GLY A 278 -7.28 8.94 -1.17
C GLY A 278 -8.05 8.14 -2.20
N GLY A 279 -8.24 8.69 -3.39
CA GLY A 279 -8.93 7.98 -4.45
C GLY A 279 -10.43 7.80 -4.26
N MET A 280 -11.05 8.55 -3.36
CA MET A 280 -12.48 8.43 -3.13
C MET A 280 -13.21 9.65 -3.70
N GLN A 281 -14.53 9.62 -3.63
CA GLN A 281 -15.38 10.59 -4.33
C GLN A 281 -16.44 11.16 -3.39
N VAL A 282 -16.08 11.37 -2.13
CA VAL A 282 -17.02 11.88 -1.14
C VAL A 282 -17.14 13.38 -1.27
N SER A 283 -18.36 13.89 -1.39
CA SER A 283 -18.52 15.34 -1.45
C SER A 283 -18.21 15.95 -0.09
N PRO A 284 -17.61 17.15 -0.07
CA PRO A 284 -17.37 17.79 1.23
C PRO A 284 -18.64 17.95 2.05
N GLU A 285 -19.79 18.17 1.39
CA GLU A 285 -21.03 18.36 2.14
C GLU A 285 -21.40 17.13 2.95
N CYS A 286 -20.93 15.94 2.54
CA CYS A 286 -21.22 14.74 3.30
C CYS A 286 -20.83 14.90 4.76
N PHE A 287 -19.75 15.64 5.02
CA PHE A 287 -19.26 15.72 6.38
C PHE A 287 -20.12 16.62 7.26
N SER A 288 -20.93 17.51 6.68
CA SER A 288 -21.99 18.14 7.48
C SER A 288 -22.93 17.09 8.04
N ILE A 289 -23.32 16.12 7.22
CA ILE A 289 -24.28 15.10 7.65
C ILE A 289 -23.66 14.19 8.70
N LEU A 290 -22.41 13.74 8.45
CA LEU A 290 -21.79 12.82 9.40
C LEU A 290 -21.59 13.51 10.74
N THR A 291 -21.22 14.78 10.72
CA THR A 291 -21.02 15.53 11.95
C THR A 291 -22.33 15.67 12.71
N HIS A 292 -23.41 15.98 12.00
CA HIS A 292 -24.72 16.09 12.66
C HIS A 292 -25.07 14.81 13.41
N MET A 293 -24.88 13.65 12.77
CA MET A 293 -25.22 12.38 13.42
C MET A 293 -24.47 12.23 14.73
N LEU A 294 -23.19 12.61 14.77
CA LEU A 294 -22.39 12.40 15.96
C LEU A 294 -22.77 13.32 17.11
N LYS A 295 -23.44 14.43 16.82
CA LYS A 295 -23.85 15.36 17.88
C LYS A 295 -24.95 14.80 18.78
N GLY A 296 -25.62 13.71 18.41
CA GLY A 296 -26.68 13.21 19.27
C GLY A 296 -26.18 12.43 20.45
N VAL A 297 -24.91 12.03 20.42
CA VAL A 297 -24.33 11.17 21.43
C VAL A 297 -23.44 12.02 22.32
N ALA A 298 -23.27 11.59 23.57
CA ALA A 298 -22.39 12.24 24.52
C ALA A 298 -22.76 13.69 24.77
N GLN A 299 -24.05 14.03 24.79
CA GLN A 299 -24.50 15.42 24.97
C GLN A 299 -23.85 16.36 23.95
N GLY A 300 -23.49 15.84 22.78
CA GLY A 300 -22.86 16.68 21.77
C GLY A 300 -21.44 17.09 22.06
N ARG A 301 -20.82 16.50 23.09
CA ARG A 301 -19.45 16.80 23.47
C ARG A 301 -18.49 16.19 22.45
N LEU A 302 -18.19 16.97 21.44
CA LEU A 302 -17.61 16.50 20.19
C LEU A 302 -16.42 17.39 19.85
N VAL A 303 -15.26 16.79 19.66
CA VAL A 303 -14.05 17.52 19.29
C VAL A 303 -13.49 16.88 18.03
N LEU A 304 -13.34 17.68 16.97
CA LEU A 304 -12.72 17.26 15.72
C LEU A 304 -11.29 17.77 15.67
N ALA A 305 -10.38 16.95 15.14
CA ALA A 305 -8.99 17.35 14.97
C ALA A 305 -8.54 16.93 13.58
N LEU A 306 -7.87 17.84 12.88
CA LEU A 306 -7.46 17.57 11.52
C LEU A 306 -6.42 16.44 11.46
N GLU A 307 -6.65 15.47 10.57
CA GLU A 307 -5.65 14.45 10.29
C GLU A 307 -5.14 14.72 8.88
N GLY A 308 -5.39 13.81 7.94
CA GLY A 308 -4.95 13.97 6.56
C GLY A 308 -5.91 14.81 5.72
N GLY A 309 -5.67 14.78 4.41
CA GLY A 309 -6.37 15.61 3.46
C GLY A 309 -5.36 16.54 2.79
N TYR A 310 -5.11 16.31 1.51
CA TYR A 310 -3.96 16.92 0.84
C TYR A 310 -4.30 17.67 -0.42
N ASN A 311 -5.58 17.73 -0.80
CA ASN A 311 -6.03 18.69 -1.80
C ASN A 311 -6.45 19.94 -1.04
N LEU A 312 -5.73 21.04 -1.27
CA LEU A 312 -5.89 22.21 -0.41
C LEU A 312 -7.34 22.69 -0.39
N GLN A 313 -7.99 22.72 -1.55
CA GLN A 313 -9.36 23.19 -1.65
C GLN A 313 -10.36 22.19 -1.10
N SER A 314 -10.19 20.90 -1.45
CA SER A 314 -11.12 19.88 -0.96
C SER A 314 -11.09 19.78 0.56
N THR A 315 -9.89 19.86 1.15
CA THR A 315 -9.79 19.75 2.61
C THR A 315 -10.42 20.96 3.29
N ALA A 316 -10.17 22.16 2.76
CA ALA A 316 -10.82 23.35 3.29
C ALA A 316 -12.33 23.22 3.20
N GLU A 317 -12.84 22.72 2.07
CA GLU A 317 -14.28 22.57 1.92
C GLU A 317 -14.85 21.55 2.91
N GLY A 318 -14.13 20.45 3.13
CA GLY A 318 -14.57 19.47 4.12
C GLY A 318 -14.60 20.04 5.51
N VAL A 319 -13.55 20.78 5.89
CA VAL A 319 -13.53 21.41 7.21
C VAL A 319 -14.70 22.37 7.34
N CYS A 320 -14.95 23.18 6.32
CA CYS A 320 -16.05 24.14 6.39
C CYS A 320 -17.39 23.44 6.56
N ALA A 321 -17.59 22.34 5.83
CA ALA A 321 -18.84 21.61 5.92
C ALA A 321 -19.05 21.06 7.32
N SER A 322 -17.99 20.49 7.92
CA SER A 322 -18.08 20.00 9.30
C SER A 322 -18.37 21.14 10.27
N MET A 323 -17.73 22.30 10.04
CA MET A 323 -17.87 23.44 10.93
C MET A 323 -19.29 24.00 10.92
N ARG A 324 -19.92 24.05 9.75
CA ARG A 324 -21.31 24.50 9.70
C ARG A 324 -22.18 23.65 10.60
N SER A 325 -21.91 22.34 10.63
CA SER A 325 -22.72 21.47 11.48
CA SER A 325 -22.71 21.46 11.48
C SER A 325 -22.42 21.69 12.96
N LEU A 326 -21.13 21.87 13.31
CA LEU A 326 -20.81 22.15 14.71
C LEU A 326 -21.51 23.41 15.19
N LEU A 327 -21.58 24.41 14.32
CA LEU A 327 -22.23 25.68 14.63
C LEU A 327 -23.75 25.57 14.63
N GLY A 328 -24.30 24.45 14.16
CA GLY A 328 -25.74 24.27 14.20
C GLY A 328 -26.49 24.75 12.98
N ASP A 329 -25.81 24.92 11.85
CA ASP A 329 -26.48 25.36 10.64
C ASP A 329 -27.30 24.21 10.04
N PRO A 330 -28.29 24.54 9.20
CA PRO A 330 -29.16 23.49 8.65
C PRO A 330 -28.40 22.45 7.85
N CYS A 331 -28.84 21.19 7.94
CA CYS A 331 -28.27 20.13 7.13
C CYS A 331 -28.43 20.48 5.67
N PRO A 332 -27.36 20.48 4.87
CA PRO A 332 -27.46 20.91 3.47
C PRO A 332 -27.92 19.78 2.56
N HIS A 333 -28.56 20.17 1.46
CA HIS A 333 -28.94 19.21 0.44
C HIS A 333 -27.68 18.62 -0.19
N LEU A 334 -27.75 17.34 -0.56
CA LEU A 334 -26.53 16.74 -1.07
C LEU A 334 -26.56 16.68 -2.59
N PRO A 335 -25.44 17.01 -3.25
CA PRO A 335 -25.40 16.92 -4.72
C PRO A 335 -25.93 15.58 -5.21
N SER A 336 -25.24 14.49 -4.85
CA SER A 336 -25.64 13.14 -5.25
C SER A 336 -26.03 12.35 -4.00
N SER A 337 -27.34 12.26 -3.76
CA SER A 337 -27.85 11.42 -2.68
C SER A 337 -28.16 10.01 -3.19
N GLY A 338 -27.13 9.37 -3.74
CA GLY A 338 -27.30 8.06 -4.33
C GLY A 338 -27.25 6.94 -3.32
N ALA A 339 -27.72 5.77 -3.76
CA ALA A 339 -27.64 4.58 -2.95
C ALA A 339 -26.19 4.11 -2.83
N PRO A 340 -25.85 3.40 -1.76
CA PRO A 340 -24.49 2.86 -1.64
C PRO A 340 -24.23 1.80 -2.69
N CYS A 341 -22.96 1.65 -3.05
CA CYS A 341 -22.60 0.66 -4.07
C CYS A 341 -22.51 -0.74 -3.47
N GLU A 342 -22.51 -1.74 -4.36
CA GLU A 342 -22.46 -3.12 -3.91
C GLU A 342 -21.22 -3.40 -3.08
N SER A 343 -20.07 -2.87 -3.49
CA SER A 343 -18.84 -3.13 -2.75
C SER A 343 -18.93 -2.59 -1.32
N ALA A 344 -19.42 -1.37 -1.16
CA ALA A 344 -19.59 -0.79 0.16
C ALA A 344 -20.53 -1.65 1.01
N LEU A 345 -21.62 -2.12 0.41
CA LEU A 345 -22.57 -2.93 1.18
C LEU A 345 -21.93 -4.25 1.62
N LYS A 346 -21.07 -4.84 0.79
CA LYS A 346 -20.37 -6.06 1.19
C LYS A 346 -19.47 -5.79 2.40
N SER A 347 -18.73 -4.68 2.36
CA SER A 347 -17.87 -4.33 3.49
C SER A 347 -18.68 -4.07 4.75
N ILE A 348 -19.77 -3.30 4.63
CA ILE A 348 -20.56 -2.98 5.80
C ILE A 348 -21.16 -4.26 6.40
N SER A 349 -21.70 -5.12 5.53
N SER A 349 -21.69 -5.13 5.54
CA SER A 349 -22.28 -6.38 6.01
CA SER A 349 -22.28 -6.36 6.05
C SER A 349 -21.24 -7.22 6.73
C SER A 349 -21.24 -7.24 6.74
N LYS A 350 -20.02 -7.29 6.20
CA LYS A 350 -18.97 -8.11 6.81
C LYS A 350 -18.54 -7.53 8.16
N THR A 351 -18.40 -6.20 8.27
CA THR A 351 -18.05 -5.63 9.55
C THR A 351 -19.17 -5.87 10.58
N ILE A 352 -20.42 -5.67 10.18
CA ILE A 352 -21.54 -5.99 11.06
C ILE A 352 -21.47 -7.44 11.51
N SER A 353 -21.20 -8.36 10.56
CA SER A 353 -21.06 -9.77 10.91
C SER A 353 -19.98 -9.99 11.95
N ASP A 354 -18.84 -9.32 11.80
CA ASP A 354 -17.73 -9.50 12.74
C ASP A 354 -18.02 -8.91 14.12
N LEU A 355 -18.84 -7.86 14.20
CA LEU A 355 -19.10 -7.19 15.47
C LEU A 355 -20.42 -7.61 16.10
N TYR A 356 -21.22 -8.40 15.38
CA TYR A 356 -22.53 -8.85 15.83
C TYR A 356 -22.54 -9.41 17.25
N PRO A 357 -21.62 -10.30 17.65
CA PRO A 357 -21.73 -10.89 18.99
C PRO A 357 -21.63 -9.87 20.11
N PHE A 358 -21.09 -8.68 19.86
CA PHE A 358 -20.75 -7.73 20.91
C PHE A 358 -21.75 -6.59 21.06
N TRP A 359 -22.64 -6.39 20.10
CA TRP A 359 -23.51 -5.22 20.09
C TRP A 359 -24.95 -5.65 19.77
N LYS A 360 -25.82 -5.55 20.77
CA LYS A 360 -27.23 -5.87 20.58
C LYS A 360 -27.85 -5.02 19.47
N SER A 361 -27.41 -3.76 19.33
CA SER A 361 -28.02 -2.88 18.37
CA SER A 361 -28.01 -2.86 18.37
C SER A 361 -27.74 -3.27 16.92
N LEU A 362 -26.84 -4.23 16.69
CA LEU A 362 -26.54 -4.74 15.37
C LEU A 362 -27.28 -6.04 15.07
N GLN A 363 -28.02 -6.57 16.05
CA GLN A 363 -28.67 -7.88 15.92
C GLN A 363 -30.08 -7.71 15.35
N THR A 364 -30.15 -7.40 14.07
CA THR A 364 -31.42 -7.17 13.44
C THR A 364 -31.89 -8.25 12.47
N ALA B 7 16.56 -27.13 -30.98
CA ALA B 7 15.62 -26.70 -29.96
C ALA B 7 14.31 -27.46 -30.06
N THR B 8 13.24 -26.76 -30.46
CA THR B 8 11.92 -27.35 -30.61
C THR B 8 11.40 -27.88 -29.28
N GLY B 9 10.22 -27.43 -28.88
CA GLY B 9 9.61 -27.86 -27.65
C GLY B 9 9.57 -26.73 -26.63
N THR B 10 8.52 -26.75 -25.80
CA THR B 10 8.33 -25.80 -24.71
C THR B 10 8.39 -26.59 -23.40
N GLY B 11 9.32 -26.19 -22.53
CA GLY B 11 9.44 -26.85 -21.24
C GLY B 11 8.48 -26.29 -20.21
N LEU B 12 8.11 -27.14 -19.26
CA LEU B 12 7.28 -26.72 -18.15
C LEU B 12 7.79 -27.42 -16.90
N VAL B 13 8.00 -26.66 -15.83
CA VAL B 13 8.45 -27.22 -14.57
C VAL B 13 7.38 -27.00 -13.53
N TYR B 14 6.97 -28.07 -12.86
CA TYR B 14 6.07 -27.99 -11.72
C TYR B 14 6.38 -29.14 -10.79
N VAL B 15 6.42 -28.88 -9.49
CA VAL B 15 6.60 -29.93 -8.50
C VAL B 15 5.67 -29.67 -7.32
N ASP B 16 5.23 -30.76 -6.69
CA ASP B 16 4.27 -30.66 -5.60
C ASP B 16 4.82 -29.84 -4.43
N ALA B 17 6.14 -29.77 -4.28
CA ALA B 17 6.74 -28.98 -3.22
C ALA B 17 6.31 -27.52 -3.27
N PHE B 18 5.91 -27.04 -4.45
CA PHE B 18 5.44 -25.67 -4.59
C PHE B 18 4.14 -25.42 -3.85
N THR B 19 3.44 -26.48 -3.42
CA THR B 19 2.19 -26.33 -2.67
C THR B 19 2.37 -26.58 -1.18
N ARG B 20 3.59 -26.87 -0.73
CA ARG B 20 3.78 -27.40 0.62
C ARG B 20 4.33 -26.33 1.58
N PHE B 21 3.91 -25.09 1.41
CA PHE B 21 4.19 -24.03 2.36
C PHE B 21 3.09 -22.98 2.21
N HIS B 22 2.81 -22.26 3.29
CA HIS B 22 1.71 -21.31 3.30
C HIS B 22 1.82 -20.50 4.59
N CYS B 23 1.02 -19.44 4.66
CA CYS B 23 1.09 -18.54 5.80
C CYS B 23 0.34 -19.14 6.99
N LEU B 24 1.08 -19.51 8.03
CA LEU B 24 0.51 -20.21 9.17
C LEU B 24 -0.44 -19.33 9.96
N TRP B 25 -0.19 -18.03 10.00
CA TRP B 25 -0.91 -17.15 10.91
C TRP B 25 -1.95 -16.28 10.22
N ASP B 26 -2.17 -16.49 8.91
CA ASP B 26 -3.19 -15.74 8.17
C ASP B 26 -3.67 -16.63 7.04
N ALA B 27 -4.82 -17.28 7.25
CA ALA B 27 -5.41 -18.14 6.23
C ALA B 27 -5.87 -17.36 5.01
N SER B 28 -5.96 -16.03 5.09
CA SER B 28 -6.40 -15.24 3.96
C SER B 28 -5.24 -14.73 3.11
N HIS B 29 -4.00 -15.13 3.41
CA HIS B 29 -2.86 -14.54 2.74
C HIS B 29 -2.95 -14.80 1.23
N PRO B 30 -2.73 -13.79 0.39
CA PRO B 30 -2.92 -13.99 -1.05
C PRO B 30 -1.87 -14.90 -1.69
N GLU B 31 -0.66 -14.99 -1.13
CA GLU B 31 0.39 -15.82 -1.74
C GLU B 31 0.22 -17.21 -1.13
N CYS B 32 -0.41 -18.10 -1.87
CA CYS B 32 -0.86 -19.38 -1.34
C CYS B 32 -0.72 -20.51 -2.36
N PRO B 33 -0.67 -21.75 -1.88
CA PRO B 33 -0.53 -22.90 -2.78
C PRO B 33 -1.56 -22.96 -3.89
N ALA B 34 -2.80 -22.52 -3.65
CA ALA B 34 -3.81 -22.58 -4.70
C ALA B 34 -3.39 -21.80 -5.95
N ARG B 35 -2.50 -20.82 -5.82
CA ARG B 35 -2.04 -20.08 -6.99
C ARG B 35 -1.53 -21.04 -8.07
N VAL B 36 -0.61 -21.95 -7.69
CA VAL B 36 -0.01 -22.80 -8.70
C VAL B 36 -0.87 -24.02 -9.01
N SER B 37 -1.62 -24.55 -8.04
CA SER B 37 -2.43 -25.71 -8.35
C SER B 37 -3.54 -25.34 -9.33
N THR B 38 -4.10 -24.13 -9.19
CA THR B 38 -5.12 -23.68 -10.13
C THR B 38 -4.54 -23.49 -11.52
N VAL B 39 -3.32 -22.94 -11.61
CA VAL B 39 -2.66 -22.80 -12.91
C VAL B 39 -2.51 -24.15 -13.58
N MET B 40 -2.03 -25.16 -12.83
CA MET B 40 -1.81 -26.48 -13.42
C MET B 40 -3.13 -27.12 -13.83
N GLU B 41 -4.19 -26.90 -13.07
CA GLU B 41 -5.50 -27.45 -13.44
C GLU B 41 -5.98 -26.89 -14.76
N MET B 42 -5.80 -25.58 -14.98
CA MET B 42 -6.28 -24.98 -16.22
C MET B 42 -5.38 -25.36 -17.39
N LEU B 43 -4.06 -25.45 -17.18
CA LEU B 43 -3.19 -25.92 -18.25
C LEU B 43 -3.61 -27.32 -18.69
N GLU B 44 -3.99 -28.18 -17.74
CA GLU B 44 -4.41 -29.53 -18.08
C GLU B 44 -5.74 -29.52 -18.83
N THR B 45 -6.75 -28.82 -18.30
CA THR B 45 -8.05 -28.82 -18.95
C THR B 45 -7.99 -28.17 -20.32
N GLU B 46 -7.09 -27.22 -20.53
CA GLU B 46 -6.94 -26.60 -21.84
C GLU B 46 -6.12 -27.47 -22.80
N GLY B 47 -5.69 -28.64 -22.37
CA GLY B 47 -4.82 -29.47 -23.19
C GLY B 47 -3.43 -28.92 -23.43
N LEU B 48 -3.03 -27.88 -22.72
CA LEU B 48 -1.70 -27.31 -22.93
C LEU B 48 -0.64 -28.07 -22.17
N LEU B 49 -0.99 -28.62 -21.01
CA LEU B 49 -0.01 -29.33 -20.19
C LEU B 49 0.60 -30.49 -20.97
N GLY B 50 -0.24 -31.29 -21.62
CA GLY B 50 0.24 -32.45 -22.34
C GLY B 50 1.08 -32.12 -23.55
N ARG B 51 0.99 -30.89 -24.04
CA ARG B 51 1.80 -30.49 -25.19
C ARG B 51 3.18 -29.98 -24.80
N CYS B 52 3.45 -29.81 -23.51
CA CYS B 52 4.75 -29.34 -23.05
C CYS B 52 5.68 -30.53 -22.77
N VAL B 53 6.97 -30.25 -22.77
CA VAL B 53 7.97 -31.20 -22.30
C VAL B 53 8.11 -31.01 -20.79
N GLN B 54 7.78 -32.04 -20.03
CA GLN B 54 7.99 -31.99 -18.59
C GLN B 54 9.49 -31.91 -18.31
N VAL B 55 9.89 -30.91 -17.53
CA VAL B 55 11.27 -30.74 -17.11
C VAL B 55 11.33 -30.90 -15.60
N GLU B 56 12.28 -31.69 -15.13
CA GLU B 56 12.40 -31.93 -13.70
C GLU B 56 12.91 -30.67 -12.99
N ALA B 57 12.37 -30.41 -11.80
CA ALA B 57 12.94 -29.38 -10.97
C ALA B 57 14.24 -29.89 -10.34
N ARG B 58 14.97 -28.96 -9.73
CA ARG B 58 16.17 -29.31 -8.99
C ARG B 58 16.40 -28.24 -7.95
N ALA B 59 17.06 -28.61 -6.85
CA ALA B 59 17.34 -27.67 -5.79
C ALA B 59 18.57 -26.84 -6.15
N VAL B 60 18.47 -25.53 -5.94
CA VAL B 60 19.60 -24.64 -6.16
C VAL B 60 20.68 -24.94 -5.13
N THR B 61 21.93 -24.89 -5.56
CA THR B 61 23.08 -25.10 -4.68
C THR B 61 23.49 -23.79 -4.00
N GLU B 62 24.24 -23.91 -2.90
CA GLU B 62 24.75 -22.72 -2.24
C GLU B 62 25.58 -21.87 -3.19
N ASP B 63 26.40 -22.51 -4.04
CA ASP B 63 27.22 -21.76 -4.99
C ASP B 63 26.36 -20.91 -5.91
N GLU B 64 25.32 -21.52 -6.49
CA GLU B 64 24.39 -20.77 -7.33
C GLU B 64 23.72 -19.65 -6.55
N LEU B 65 23.22 -19.94 -5.34
CA LEU B 65 22.62 -18.88 -4.55
C LEU B 65 23.60 -17.72 -4.35
N LEU B 66 24.88 -18.01 -4.08
CA LEU B 66 25.84 -16.97 -3.80
C LEU B 66 26.22 -16.13 -5.02
N LEU B 67 25.73 -16.47 -6.20
CA LEU B 67 25.84 -15.52 -7.31
C LEU B 67 25.15 -14.20 -7.01
N VAL B 68 24.17 -14.20 -6.10
CA VAL B 68 23.37 -13.02 -5.84
C VAL B 68 23.28 -12.70 -4.34
N HIS B 69 23.17 -13.74 -3.52
CA HIS B 69 22.90 -13.56 -2.09
C HIS B 69 24.16 -13.81 -1.26
N THR B 70 24.21 -13.16 -0.09
CA THR B 70 25.34 -13.30 0.82
C THR B 70 25.26 -14.63 1.56
N LYS B 71 26.42 -15.14 1.99
CA LYS B 71 26.41 -16.40 2.71
C LYS B 71 25.66 -16.29 4.02
N GLU B 72 25.75 -15.12 4.68
CA GLU B 72 25.06 -14.93 5.95
C GLU B 72 23.54 -15.02 5.76
N TYR B 73 23.03 -14.43 4.68
CA TYR B 73 21.60 -14.50 4.41
C TYR B 73 21.18 -15.91 4.04
N VAL B 74 21.96 -16.57 3.18
CA VAL B 74 21.64 -17.95 2.81
C VAL B 74 21.62 -18.85 4.04
N GLU B 75 22.57 -18.62 4.97
CA GLU B 75 22.63 -19.42 6.19
C GLU B 75 21.39 -19.20 7.06
N LEU B 76 21.02 -17.94 7.24
CA LEU B 76 19.81 -17.61 8.00
C LEU B 76 18.58 -18.25 7.38
N MET B 77 18.41 -18.08 6.06
CA MET B 77 17.26 -18.68 5.39
C MET B 77 17.28 -20.20 5.52
N LYS B 78 18.46 -20.82 5.39
CA LYS B 78 18.57 -22.25 5.60
C LYS B 78 18.03 -22.64 6.97
N SER B 79 18.37 -21.87 8.00
CA SER B 79 17.99 -22.23 9.36
C SER B 79 16.48 -22.17 9.60
N THR B 80 15.72 -21.48 8.74
CA THR B 80 14.29 -21.35 9.00
C THR B 80 13.57 -22.70 8.96
N GLN B 81 14.15 -23.71 8.30
CA GLN B 81 13.41 -24.96 8.20
C GLN B 81 13.30 -25.67 9.55
N ASN B 82 14.08 -25.23 10.54
CA ASN B 82 14.08 -25.84 11.87
C ASN B 82 13.47 -24.94 12.92
N MET B 83 12.87 -23.81 12.53
CA MET B 83 12.33 -22.85 13.48
C MET B 83 10.90 -23.19 13.88
N THR B 84 10.56 -22.83 15.11
CA THR B 84 9.17 -22.89 15.53
C THR B 84 8.37 -21.78 14.84
N GLU B 85 7.04 -21.93 14.88
CA GLU B 85 6.21 -20.88 14.30
C GLU B 85 6.51 -19.52 14.95
N GLU B 86 6.66 -19.49 16.28
CA GLU B 86 6.98 -18.24 16.95
C GLU B 86 8.28 -17.63 16.44
N GLU B 87 9.31 -18.47 16.25
CA GLU B 87 10.57 -17.97 15.71
C GLU B 87 10.41 -17.49 14.28
N LEU B 88 9.70 -18.24 13.45
CA LEU B 88 9.45 -17.83 12.07
C LEU B 88 8.75 -16.47 12.01
N LYS B 89 7.77 -16.25 12.89
CA LYS B 89 7.04 -14.99 12.87
C LYS B 89 7.93 -13.83 13.28
N THR B 90 8.73 -14.01 14.34
CA THR B 90 9.65 -12.97 14.77
C THR B 90 10.61 -12.57 13.65
N LEU B 91 11.13 -13.55 12.92
CA LEU B 91 12.02 -13.26 11.81
C LEU B 91 11.26 -12.61 10.65
N ALA B 92 10.12 -13.18 10.27
CA ALA B 92 9.37 -12.62 9.15
C ALA B 92 9.09 -11.13 9.35
N GLU B 93 8.79 -10.74 10.59
CA GLU B 93 8.45 -9.35 10.91
C GLU B 93 9.63 -8.40 10.79
N LYS B 94 10.85 -8.90 10.63
CA LYS B 94 11.97 -8.01 10.39
C LYS B 94 12.10 -7.60 8.94
N TYR B 95 11.27 -8.15 8.05
CA TYR B 95 11.27 -7.84 6.63
C TYR B 95 9.95 -7.18 6.26
N ASP B 96 9.91 -6.55 5.08
CA ASP B 96 8.68 -5.93 4.59
C ASP B 96 7.87 -6.97 3.82
N SER B 97 6.67 -7.26 4.34
CA SER B 97 5.64 -8.02 3.64
C SER B 97 6.10 -9.43 3.27
N VAL B 98 6.45 -10.20 4.28
CA VAL B 98 6.79 -11.59 4.03
C VAL B 98 6.28 -12.45 5.18
N TYR B 99 5.98 -13.72 4.89
CA TYR B 99 5.77 -14.72 5.93
C TYR B 99 6.78 -15.86 5.75
N LEU B 100 6.84 -16.73 6.75
CA LEU B 100 7.77 -17.86 6.77
C LEU B 100 7.05 -19.11 7.24
N HIS B 101 7.62 -20.25 6.87
CA HIS B 101 7.02 -21.57 7.07
C HIS B 101 8.16 -22.57 7.01
N PRO B 102 8.08 -23.68 7.74
CA PRO B 102 9.22 -24.62 7.77
C PRO B 102 9.58 -25.20 6.42
N GLY B 103 8.64 -25.25 5.49
CA GLY B 103 8.90 -25.70 4.14
C GLY B 103 9.24 -24.61 3.15
N PHE B 104 9.32 -23.35 3.59
CA PHE B 104 9.55 -22.23 2.68
C PHE B 104 10.90 -22.36 1.99
N PHE B 105 11.95 -22.61 2.78
CA PHE B 105 13.30 -22.68 2.22
C PHE B 105 13.43 -23.78 1.17
N SER B 106 12.96 -24.98 1.48
CA SER B 106 13.05 -26.06 0.51
C SER B 106 12.33 -25.71 -0.77
N SER B 107 11.11 -25.17 -0.66
N SER B 107 11.11 -25.17 -0.66
CA SER B 107 10.38 -24.77 -1.85
CA SER B 107 10.38 -24.77 -1.85
C SER B 107 11.08 -23.62 -2.56
C SER B 107 11.08 -23.62 -2.56
N ALA B 108 11.68 -22.70 -1.80
CA ALA B 108 12.38 -21.58 -2.41
C ALA B 108 13.57 -22.06 -3.23
N CYS B 109 14.25 -23.11 -2.74
CA CYS B 109 15.39 -23.65 -3.47
C CYS B 109 14.95 -24.35 -4.75
N LEU B 110 13.83 -25.08 -4.69
CA LEU B 110 13.28 -25.70 -5.88
C LEU B 110 12.74 -24.66 -6.85
N SER B 111 12.21 -23.55 -6.34
CA SER B 111 11.72 -22.48 -7.20
C SER B 111 12.86 -21.90 -8.04
N VAL B 112 13.99 -21.59 -7.42
CA VAL B 112 15.16 -21.13 -8.17
C VAL B 112 15.61 -22.20 -9.15
N GLY B 113 15.80 -23.42 -8.64
CA GLY B 113 16.30 -24.50 -9.48
C GLY B 113 15.45 -24.77 -10.72
N SER B 114 14.13 -24.58 -10.60
CA SER B 114 13.25 -24.80 -11.73
C SER B 114 13.61 -23.88 -12.88
N VAL B 115 13.95 -22.62 -12.57
CA VAL B 115 14.34 -21.70 -13.65
C VAL B 115 15.67 -22.14 -14.25
N LEU B 116 16.59 -22.61 -13.40
CA LEU B 116 17.90 -22.99 -13.91
C LEU B 116 17.82 -24.21 -14.82
N GLN B 117 16.90 -25.13 -14.52
CA GLN B 117 16.66 -26.27 -15.38
C GLN B 117 16.21 -25.83 -16.77
N LEU B 118 15.31 -24.86 -16.85
CA LEU B 118 14.84 -24.39 -18.15
C LEU B 118 15.93 -23.61 -18.87
N VAL B 119 16.73 -22.84 -18.13
CA VAL B 119 17.85 -22.16 -18.76
C VAL B 119 18.80 -23.17 -19.38
N ASP B 120 19.08 -24.27 -18.68
CA ASP B 120 19.95 -25.30 -19.26
C ASP B 120 19.38 -25.79 -20.58
N LYS B 121 18.11 -26.19 -20.59
CA LYS B 121 17.50 -26.77 -21.79
C LYS B 121 17.48 -25.77 -22.94
N VAL B 122 17.23 -24.50 -22.65
CA VAL B 122 17.13 -23.50 -23.72
C VAL B 122 18.51 -23.13 -24.25
N MET B 123 19.49 -22.92 -23.37
CA MET B 123 20.79 -22.48 -23.87
C MET B 123 21.53 -23.60 -24.58
N THR B 124 21.19 -24.87 -24.32
CA THR B 124 21.79 -25.98 -25.05
C THR B 124 20.94 -26.43 -26.23
N SER B 125 19.96 -25.63 -26.63
CA SER B 125 19.12 -25.92 -27.80
C SER B 125 18.39 -27.25 -27.66
N GLN B 126 18.13 -27.70 -26.43
CA GLN B 126 17.28 -28.86 -26.25
C GLN B 126 15.80 -28.51 -26.23
N LEU B 127 15.46 -27.27 -25.88
CA LEU B 127 14.10 -26.77 -25.98
C LEU B 127 14.17 -25.38 -26.59
N ARG B 128 13.07 -24.94 -27.20
CA ARG B 128 13.00 -23.57 -27.68
C ARG B 128 12.75 -22.57 -26.56
N ASN B 129 11.88 -22.91 -25.62
CA ASN B 129 11.51 -21.95 -24.58
C ASN B 129 10.94 -22.70 -23.40
N GLY B 130 10.52 -21.99 -22.35
CA GLY B 130 9.99 -22.72 -21.21
C GLY B 130 9.31 -21.79 -20.22
N PHE B 131 8.58 -22.40 -19.29
CA PHE B 131 7.82 -21.69 -18.27
C PHE B 131 7.90 -22.49 -16.99
N SER B 132 8.38 -21.86 -15.90
CA SER B 132 8.35 -22.50 -14.60
CA SER B 132 8.34 -22.49 -14.59
C SER B 132 7.11 -22.00 -13.84
N ILE B 133 6.30 -22.95 -13.36
CA ILE B 133 5.10 -22.63 -12.60
C ILE B 133 5.45 -22.69 -11.12
N ASN B 134 6.25 -21.74 -10.66
CA ASN B 134 6.93 -21.86 -9.39
C ASN B 134 6.38 -20.85 -8.38
N ARG B 135 6.37 -21.27 -7.11
CA ARG B 135 6.30 -20.36 -5.99
C ARG B 135 7.24 -20.91 -4.95
N PRO B 136 7.84 -20.04 -4.11
CA PRO B 136 7.62 -18.60 -3.98
C PRO B 136 8.17 -17.77 -5.16
N PRO B 137 7.64 -16.56 -5.32
CA PRO B 137 8.18 -15.63 -6.32
C PRO B 137 9.55 -15.11 -5.90
N GLY B 138 10.17 -14.37 -6.81
CA GLY B 138 11.54 -13.98 -6.59
C GLY B 138 11.93 -12.52 -6.73
N HIS B 139 11.19 -11.72 -7.52
CA HIS B 139 11.83 -10.50 -8.03
C HIS B 139 11.99 -9.40 -6.99
N HIS B 140 11.40 -9.52 -5.80
CA HIS B 140 11.66 -8.55 -4.75
C HIS B 140 12.81 -8.95 -3.84
N ALA B 141 13.24 -10.20 -3.89
CA ALA B 141 14.28 -10.66 -2.98
C ALA B 141 15.60 -9.93 -3.25
N GLN B 142 16.34 -9.67 -2.19
CA GLN B 142 17.55 -8.87 -2.27
C GLN B 142 18.74 -9.65 -1.72
N ALA B 143 19.93 -9.07 -1.91
CA ALA B 143 21.17 -9.77 -1.60
C ALA B 143 21.13 -10.40 -0.21
N ASP B 144 20.64 -9.66 0.77
CA ASP B 144 20.68 -10.12 2.16
C ASP B 144 19.35 -9.91 2.88
N LYS B 145 18.23 -9.96 2.16
CA LYS B 145 16.97 -9.87 2.89
C LYS B 145 15.80 -10.36 2.04
N MET B 146 14.78 -10.91 2.72
CA MET B 146 13.50 -11.23 2.12
C MET B 146 12.72 -9.93 1.85
N ASN B 147 11.75 -10.01 0.95
CA ASN B 147 10.94 -8.84 0.67
C ASN B 147 9.77 -9.27 -0.20
N GLY B 148 8.59 -8.75 0.11
CA GLY B 148 7.42 -8.89 -0.76
C GLY B 148 7.14 -10.31 -1.22
N PHE B 149 7.00 -11.22 -0.26
CA PHE B 149 6.68 -12.64 -0.45
C PHE B 149 7.82 -13.44 -1.09
N CYS B 150 9.03 -12.88 -1.20
CA CYS B 150 10.16 -13.52 -1.87
C CYS B 150 11.31 -13.79 -0.92
N MET B 151 11.95 -14.95 -1.08
CA MET B 151 13.17 -15.29 -0.33
C MET B 151 14.43 -15.19 -1.18
N PHE B 152 14.45 -15.82 -2.35
CA PHE B 152 15.59 -15.82 -3.26
C PHE B 152 15.17 -15.24 -4.60
N ASN B 153 16.08 -14.50 -5.25
CA ASN B 153 15.69 -13.81 -6.48
C ASN B 153 15.90 -14.74 -7.66
N ASN B 154 14.85 -15.50 -7.97
CA ASN B 154 14.91 -16.56 -8.97
C ASN B 154 15.55 -16.08 -10.27
N LEU B 155 15.11 -14.95 -10.79
CA LEU B 155 15.55 -14.57 -12.14
C LEU B 155 16.92 -13.91 -12.13
N ALA B 156 17.28 -13.19 -11.06
CA ALA B 156 18.62 -12.64 -10.96
C ALA B 156 19.65 -13.75 -10.91
N ILE B 157 19.39 -14.79 -10.11
CA ILE B 157 20.28 -15.94 -10.07
C ILE B 157 20.37 -16.59 -11.45
N ALA B 158 19.22 -16.79 -12.10
CA ALA B 158 19.18 -17.43 -13.40
C ALA B 158 20.01 -16.65 -14.42
N ALA B 159 19.98 -15.32 -14.34
CA ALA B 159 20.71 -14.49 -15.28
C ALA B 159 22.22 -14.64 -15.08
N ARG B 160 22.67 -14.63 -13.82
CA ARG B 160 24.10 -14.80 -13.59
C ARG B 160 24.53 -16.23 -13.85
N TYR B 161 23.65 -17.19 -13.57
CA TYR B 161 23.91 -18.59 -13.92
C TYR B 161 24.07 -18.77 -15.42
N ALA B 162 23.23 -18.11 -16.22
CA ALA B 162 23.36 -18.24 -17.67
C ALA B 162 24.71 -17.71 -18.14
N GLN B 163 25.17 -16.61 -17.52
CA GLN B 163 26.45 -16.03 -17.90
C GLN B 163 27.61 -16.92 -17.45
N LYS B 164 27.62 -17.32 -16.19
CA LYS B 164 28.75 -18.09 -15.69
C LYS B 164 28.78 -19.48 -16.30
N ARG B 165 27.63 -20.14 -16.42
CA ARG B 165 27.57 -21.53 -16.84
C ARG B 165 27.46 -21.69 -18.36
N HIS B 166 26.73 -20.82 -19.05
CA HIS B 166 26.53 -20.96 -20.48
C HIS B 166 27.20 -19.84 -21.29
N ARG B 167 28.13 -19.11 -20.66
CA ARG B 167 28.96 -18.10 -21.34
C ARG B 167 28.12 -17.02 -22.01
N VAL B 168 26.87 -16.82 -21.58
CA VAL B 168 26.07 -15.74 -22.11
C VAL B 168 26.72 -14.42 -21.78
N GLN B 169 26.76 -13.51 -22.76
CA GLN B 169 27.29 -12.18 -22.48
C GLN B 169 26.22 -11.19 -22.07
N ARG B 170 25.02 -11.29 -22.65
CA ARG B 170 24.00 -10.26 -22.45
C ARG B 170 22.67 -10.93 -22.20
N VAL B 171 22.02 -10.55 -21.09
CA VAL B 171 20.72 -11.08 -20.69
C VAL B 171 19.75 -9.92 -20.61
N LEU B 172 18.56 -10.10 -21.18
CA LEU B 172 17.45 -9.18 -21.01
C LEU B 172 16.46 -9.76 -20.02
N ILE B 173 16.14 -9.01 -18.98
CA ILE B 173 15.08 -9.39 -18.03
C ILE B 173 13.90 -8.44 -18.24
N VAL B 174 12.75 -9.02 -18.60
CA VAL B 174 11.52 -8.27 -18.81
C VAL B 174 10.58 -8.61 -17.65
N ASP B 175 10.14 -7.58 -16.93
CA ASP B 175 9.38 -7.76 -15.70
C ASP B 175 8.00 -7.11 -15.90
N TRP B 176 6.98 -7.91 -16.23
CA TRP B 176 5.65 -7.36 -16.50
C TRP B 176 4.69 -7.57 -15.34
N ASP B 177 5.17 -8.11 -14.22
CA ASP B 177 4.41 -8.08 -12.97
C ASP B 177 4.02 -6.64 -12.67
N VAL B 178 2.88 -6.44 -11.99
CA VAL B 178 2.38 -5.08 -11.77
C VAL B 178 3.23 -4.30 -10.77
N HIS B 179 4.06 -4.99 -9.99
CA HIS B 179 4.95 -4.37 -9.03
C HIS B 179 6.35 -4.20 -9.62
N HIS B 180 7.05 -3.18 -9.16
CA HIS B 180 8.45 -3.00 -9.51
C HIS B 180 9.31 -4.08 -8.86
N GLY B 181 10.14 -4.76 -9.65
CA GLY B 181 11.06 -5.73 -9.10
C GLY B 181 12.35 -5.07 -8.65
N GLN B 182 12.25 -4.31 -7.56
CA GLN B 182 13.38 -3.54 -7.08
C GLN B 182 14.56 -4.44 -6.71
N GLY B 183 14.29 -5.69 -6.33
CA GLY B 183 15.39 -6.63 -6.06
C GLY B 183 16.25 -6.87 -7.28
N ILE B 184 15.62 -7.12 -8.43
CA ILE B 184 16.38 -7.29 -9.67
C ILE B 184 17.13 -6.00 -10.01
N GLN B 185 16.43 -4.86 -9.93
CA GLN B 185 17.08 -3.58 -10.21
C GLN B 185 18.30 -3.38 -9.33
N TYR B 186 18.16 -3.62 -8.02
CA TYR B 186 19.28 -3.46 -7.11
C TYR B 186 20.45 -4.37 -7.49
N ILE B 187 20.15 -5.64 -7.77
CA ILE B 187 21.22 -6.60 -7.99
C ILE B 187 22.05 -6.22 -9.21
N PHE B 188 21.40 -5.69 -10.25
CA PHE B 188 22.10 -5.38 -11.50
C PHE B 188 22.30 -3.88 -11.72
N GLU B 189 22.19 -3.07 -10.67
CA GLU B 189 22.23 -1.62 -10.79
C GLU B 189 23.46 -1.15 -11.56
N GLU B 190 24.61 -1.75 -11.31
CA GLU B 190 25.87 -1.32 -11.90
C GLU B 190 26.42 -2.36 -12.86
N ASP B 191 25.53 -3.06 -13.54
CA ASP B 191 25.88 -4.19 -14.40
C ASP B 191 25.32 -3.98 -15.80
N PRO B 192 26.16 -3.70 -16.81
CA PRO B 192 25.64 -3.49 -18.16
C PRO B 192 25.37 -4.78 -18.93
N SER B 193 25.73 -5.94 -18.38
CA SER B 193 25.52 -7.20 -19.08
C SER B 193 24.11 -7.75 -18.90
N VAL B 194 23.34 -7.18 -17.97
CA VAL B 194 21.98 -7.60 -17.68
C VAL B 194 21.10 -6.36 -17.76
N LEU B 195 20.29 -6.26 -18.81
CA LEU B 195 19.40 -5.13 -18.99
C LEU B 195 18.07 -5.45 -18.32
N TYR B 196 17.69 -4.63 -17.33
CA TYR B 196 16.45 -4.85 -16.60
C TYR B 196 15.40 -3.84 -17.09
N PHE B 197 14.25 -4.37 -17.56
CA PHE B 197 13.11 -3.55 -17.95
C PHE B 197 11.92 -3.96 -17.07
N SER B 198 11.30 -2.98 -16.42
CA SER B 198 10.14 -3.20 -15.57
C SER B 198 9.05 -2.21 -15.93
N VAL B 199 7.85 -2.71 -16.17
CA VAL B 199 6.68 -1.83 -16.24
C VAL B 199 5.81 -2.14 -15.03
N HIS B 200 5.34 -1.09 -14.35
CA HIS B 200 4.72 -1.32 -13.04
C HIS B 200 3.87 -0.13 -12.65
N ARG B 201 2.86 -0.41 -11.84
CA ARG B 201 2.10 0.65 -11.18
C ARG B 201 3.01 1.40 -10.22
N TYR B 202 2.90 2.73 -10.21
CA TYR B 202 3.77 3.57 -9.40
C TYR B 202 2.96 4.64 -8.66
N GLU B 203 2.18 5.42 -9.41
CA GLU B 203 1.29 6.44 -8.83
C GLU B 203 2.08 7.39 -7.94
N ASP B 204 3.17 7.92 -8.50
CA ASP B 204 4.01 8.90 -7.79
C ASP B 204 4.40 8.38 -6.41
N GLY B 205 4.68 7.08 -6.33
CA GLY B 205 5.14 6.47 -5.09
C GLY B 205 4.04 5.98 -4.17
N SER B 206 2.77 6.22 -4.49
N SER B 206 2.77 6.22 -4.49
CA SER B 206 1.71 5.78 -3.60
CA SER B 206 1.68 5.79 -3.63
C SER B 206 1.41 4.29 -3.71
C SER B 206 1.38 4.30 -3.74
N PHE B 207 1.96 3.60 -4.71
CA PHE B 207 1.76 2.16 -4.85
C PHE B 207 3.00 1.43 -4.35
N TRP B 208 2.77 0.34 -3.61
CA TRP B 208 3.88 -0.43 -3.05
C TRP B 208 4.83 -0.86 -4.19
N PRO B 209 6.16 -0.83 -3.99
CA PRO B 209 6.90 -0.62 -2.73
C PRO B 209 7.22 0.83 -2.37
N HIS B 210 6.55 1.81 -3.00
CA HIS B 210 6.64 3.21 -2.59
C HIS B 210 8.03 3.79 -2.71
N LEU B 211 8.79 3.39 -3.73
CA LEU B 211 10.21 3.73 -3.82
C LEU B 211 10.43 4.78 -4.90
N LYS B 212 11.12 5.87 -4.53
CA LYS B 212 11.56 6.79 -5.56
C LYS B 212 12.36 6.09 -6.66
N GLU B 213 13.09 5.03 -6.30
CA GLU B 213 13.88 4.25 -7.25
C GLU B 213 13.04 3.53 -8.30
N SER B 214 11.72 3.52 -8.17
CA SER B 214 10.89 2.88 -9.19
C SER B 214 10.48 3.83 -10.31
N ASP B 215 10.87 5.10 -10.22
CA ASP B 215 10.56 6.06 -11.25
C ASP B 215 11.53 5.89 -12.43
N SER B 216 11.16 6.47 -13.58
CA SER B 216 12.00 6.27 -14.75
C SER B 216 13.31 7.05 -14.68
N SER B 217 13.48 7.91 -13.66
CA SER B 217 14.74 8.59 -13.47
C SER B 217 15.86 7.66 -13.03
N SER B 218 15.53 6.46 -12.53
CA SER B 218 16.53 5.50 -12.06
C SER B 218 16.97 4.66 -13.26
N VAL B 219 18.05 5.10 -13.90
CA VAL B 219 18.48 4.50 -15.16
C VAL B 219 19.70 3.61 -14.98
N GLY B 220 20.09 3.30 -13.74
CA GLY B 220 21.31 2.58 -13.46
C GLY B 220 22.46 3.54 -13.17
N SER B 221 23.55 2.97 -12.67
CA SER B 221 24.65 3.79 -12.19
C SER B 221 25.99 3.19 -12.58
N GLY B 222 27.01 4.05 -12.59
CA GLY B 222 28.34 3.62 -12.96
C GLY B 222 28.34 3.00 -14.34
N ALA B 223 29.00 1.85 -14.46
CA ALA B 223 29.07 1.11 -15.71
C ALA B 223 27.72 0.58 -16.17
N GLY B 224 26.70 0.64 -15.33
CA GLY B 224 25.36 0.23 -15.68
C GLY B 224 24.43 1.35 -16.08
N GLN B 225 24.95 2.57 -16.23
CA GLN B 225 24.12 3.70 -16.60
C GLN B 225 23.43 3.41 -17.93
N GLY B 226 22.10 3.45 -17.94
CA GLY B 226 21.30 3.17 -19.12
C GLY B 226 20.77 1.76 -19.25
N TYR B 227 21.21 0.83 -18.40
CA TYR B 227 20.80 -0.57 -18.48
C TYR B 227 19.75 -0.94 -17.43
N ASN B 228 19.04 0.05 -16.92
CA ASN B 228 17.89 -0.15 -16.05
C ASN B 228 16.79 0.76 -16.55
N ILE B 229 15.66 0.19 -16.94
CA ILE B 229 14.59 0.94 -17.59
C ILE B 229 13.28 0.68 -16.85
N ASN B 230 12.76 1.72 -16.19
CA ASN B 230 11.47 1.63 -15.49
C ASN B 230 10.40 2.38 -16.27
N LEU B 231 9.25 1.75 -16.43
CA LEU B 231 8.07 2.37 -17.04
C LEU B 231 6.99 2.43 -15.98
N PRO B 232 6.85 3.56 -15.28
CA PRO B 232 5.87 3.66 -14.19
C PRO B 232 4.51 4.16 -14.63
N TRP B 233 3.45 3.42 -14.28
CA TRP B 233 2.09 3.89 -14.54
C TRP B 233 1.64 4.79 -13.40
N ASN B 234 1.03 5.92 -13.73
CA ASN B 234 0.53 6.83 -12.70
C ASN B 234 -0.98 6.95 -12.71
N LYS B 235 -1.68 6.10 -13.45
CA LYS B 235 -3.11 5.96 -13.31
C LYS B 235 -3.43 4.48 -13.33
N VAL B 236 -4.54 4.11 -12.69
CA VAL B 236 -4.95 2.72 -12.66
C VAL B 236 -5.75 2.40 -13.91
N GLY B 237 -6.09 1.14 -14.11
CA GLY B 237 -6.92 0.80 -15.25
C GLY B 237 -6.22 0.76 -16.59
N MET B 238 -4.91 0.58 -16.60
CA MET B 238 -4.21 0.38 -17.86
C MET B 238 -4.70 -0.90 -18.52
N GLU B 239 -4.54 -0.95 -19.85
CA GLU B 239 -5.10 -2.02 -20.65
C GLU B 239 -4.05 -2.57 -21.60
N SER B 240 -4.43 -3.62 -22.33
CA SER B 240 -3.50 -4.24 -23.28
C SER B 240 -2.92 -3.22 -24.25
N GLY B 241 -3.72 -2.25 -24.71
CA GLY B 241 -3.21 -1.29 -25.68
C GLY B 241 -2.06 -0.47 -25.13
N ASP B 242 -2.07 -0.25 -23.81
CA ASP B 242 -0.98 0.49 -23.17
C ASP B 242 0.29 -0.34 -23.11
N TYR B 243 0.17 -1.62 -22.77
CA TYR B 243 1.34 -2.51 -22.72
C TYR B 243 1.92 -2.76 -24.11
N ILE B 244 1.06 -2.98 -25.10
CA ILE B 244 1.53 -3.26 -26.45
C ILE B 244 2.25 -2.05 -27.04
N THR B 245 1.71 -0.85 -26.84
CA THR B 245 2.39 0.35 -27.30
C THR B 245 3.73 0.53 -26.60
N ALA B 246 3.78 0.24 -25.31
CA ALA B 246 5.03 0.37 -24.56
C ALA B 246 6.07 -0.60 -25.06
N PHE B 247 5.67 -1.83 -25.37
CA PHE B 247 6.63 -2.79 -25.91
C PHE B 247 7.17 -2.33 -27.27
N GLN B 248 6.29 -1.82 -28.15
CA GLN B 248 6.74 -1.44 -29.50
C GLN B 248 7.64 -0.20 -29.49
N GLN B 249 7.32 0.80 -28.66
CA GLN B 249 8.03 2.07 -28.74
C GLN B 249 9.19 2.18 -27.76
N LEU B 250 9.29 1.29 -26.78
CA LEU B 250 10.32 1.39 -25.77
C LEU B 250 11.15 0.12 -25.70
N LEU B 251 10.51 -1.01 -25.38
CA LEU B 251 11.26 -2.23 -25.08
C LEU B 251 11.92 -2.81 -26.31
N LEU B 252 11.15 -3.01 -27.39
CA LEU B 252 11.67 -3.72 -28.56
C LEU B 252 12.78 -2.94 -29.27
N PRO B 253 12.68 -1.62 -29.40
CA PRO B 253 13.82 -0.88 -29.98
C PRO B 253 15.08 -1.06 -29.16
N VAL B 254 14.98 -0.92 -27.84
CA VAL B 254 16.16 -1.11 -26.98
C VAL B 254 16.69 -2.53 -27.11
N ALA B 255 15.79 -3.52 -27.15
CA ALA B 255 16.24 -4.92 -27.22
C ALA B 255 17.00 -5.18 -28.50
N TYR B 256 16.55 -4.60 -29.61
CA TYR B 256 17.25 -4.78 -30.87
C TYR B 256 18.66 -4.20 -30.82
N GLU B 257 18.81 -3.02 -30.21
CA GLU B 257 20.13 -2.43 -30.03
C GLU B 257 20.99 -3.24 -29.05
N PHE B 258 20.38 -3.79 -28.00
CA PHE B 258 21.12 -4.49 -26.98
C PHE B 258 21.59 -5.86 -27.45
N GLN B 259 20.77 -6.53 -28.27
CA GLN B 259 21.10 -7.84 -28.82
C GLN B 259 21.34 -8.85 -27.71
N PRO B 260 20.34 -9.12 -26.88
CA PRO B 260 20.52 -10.10 -25.80
C PRO B 260 20.61 -11.50 -26.36
N GLN B 261 21.29 -12.37 -25.61
CA GLN B 261 21.39 -13.77 -25.97
C GLN B 261 20.41 -14.65 -25.21
N LEU B 262 19.73 -14.09 -24.21
CA LEU B 262 18.71 -14.79 -23.45
C LEU B 262 17.74 -13.74 -22.92
N VAL B 263 16.44 -14.06 -22.99
CA VAL B 263 15.39 -13.24 -22.40
C VAL B 263 14.79 -14.01 -21.24
N LEU B 264 14.76 -13.37 -20.07
CA LEU B 264 14.11 -13.90 -18.88
C LEU B 264 12.92 -13.01 -18.54
N VAL B 265 11.77 -13.61 -18.26
CA VAL B 265 10.54 -12.85 -17.99
C VAL B 265 10.11 -13.09 -16.56
N ALA B 266 10.01 -12.01 -15.79
CA ALA B 266 9.37 -12.03 -14.47
C ALA B 266 7.87 -11.97 -14.75
N ALA B 267 7.26 -13.15 -14.86
CA ALA B 267 5.93 -13.30 -15.44
C ALA B 267 4.93 -13.29 -14.29
N GLY B 268 4.63 -12.09 -13.82
CA GLY B 268 3.56 -11.90 -12.86
C GLY B 268 2.27 -11.57 -13.60
N PHE B 269 1.14 -11.94 -13.01
CA PHE B 269 -0.14 -11.70 -13.66
C PHE B 269 -1.05 -10.89 -12.77
N ASP B 270 -0.47 -10.10 -11.87
CA ASP B 270 -1.27 -9.24 -11.03
C ASP B 270 -1.66 -7.93 -11.71
N ALA B 271 -1.29 -7.70 -12.98
CA ALA B 271 -1.90 -6.62 -13.74
C ALA B 271 -3.18 -7.04 -14.47
N VAL B 272 -3.55 -8.32 -14.41
CA VAL B 272 -4.69 -8.81 -15.16
C VAL B 272 -5.99 -8.37 -14.49
N ILE B 273 -7.03 -8.18 -15.32
CA ILE B 273 -8.35 -7.85 -14.83
C ILE B 273 -8.73 -8.79 -13.71
N GLY B 274 -9.15 -8.22 -12.57
CA GLY B 274 -9.65 -9.00 -11.44
C GLY B 274 -8.65 -9.23 -10.33
N ASP B 275 -7.38 -8.89 -10.52
CA ASP B 275 -6.41 -9.15 -9.47
C ASP B 275 -6.70 -8.28 -8.26
N PRO B 276 -6.74 -8.84 -7.06
CA PRO B 276 -7.09 -8.05 -5.86
C PRO B 276 -6.01 -7.06 -5.43
N LEU B 277 -4.75 -7.24 -5.84
CA LEU B 277 -3.69 -6.36 -5.39
C LEU B 277 -3.20 -5.37 -6.44
N GLY B 278 -3.41 -5.65 -7.73
CA GLY B 278 -2.78 -4.90 -8.80
C GLY B 278 -3.59 -3.78 -9.43
N GLY B 279 -4.91 -3.99 -9.55
CA GLY B 279 -5.81 -2.92 -9.92
C GLY B 279 -5.72 -2.41 -11.34
N MET B 280 -5.34 -3.25 -12.30
CA MET B 280 -5.27 -2.85 -13.69
C MET B 280 -6.35 -3.59 -14.49
N GLN B 281 -6.41 -3.31 -15.79
CA GLN B 281 -7.47 -3.83 -16.64
C GLN B 281 -6.90 -4.53 -17.86
N VAL B 282 -5.82 -5.27 -17.66
CA VAL B 282 -5.15 -5.95 -18.77
C VAL B 282 -5.84 -7.29 -18.99
N SER B 283 -6.23 -7.55 -20.23
CA SER B 283 -6.82 -8.84 -20.56
CA SER B 283 -6.82 -8.84 -20.55
C SER B 283 -5.76 -9.94 -20.50
N PRO B 284 -6.14 -11.16 -20.15
CA PRO B 284 -5.17 -12.27 -20.22
C PRO B 284 -4.59 -12.43 -21.61
N GLU B 285 -5.40 -12.19 -22.64
CA GLU B 285 -4.95 -12.33 -24.01
C GLU B 285 -3.74 -11.43 -24.32
N CYS B 286 -3.66 -10.27 -23.66
CA CYS B 286 -2.50 -9.39 -23.85
C CYS B 286 -1.18 -10.15 -23.72
N PHE B 287 -1.13 -11.10 -22.79
CA PHE B 287 0.13 -11.78 -22.57
C PHE B 287 0.48 -12.78 -23.68
N SER B 288 -0.49 -13.24 -24.47
CA SER B 288 -0.13 -13.95 -25.71
C SER B 288 0.66 -13.04 -26.64
N ILE B 289 0.26 -11.77 -26.74
CA ILE B 289 0.92 -10.84 -27.65
C ILE B 289 2.31 -10.48 -27.13
N LEU B 290 2.41 -10.16 -25.84
CA LEU B 290 3.70 -9.80 -25.27
C LEU B 290 4.68 -10.95 -25.38
N THR B 291 4.22 -12.18 -25.17
CA THR B 291 5.08 -13.36 -25.33
C THR B 291 5.51 -13.53 -26.80
N HIS B 292 4.56 -13.39 -27.72
CA HIS B 292 4.87 -13.44 -29.14
C HIS B 292 5.96 -12.45 -29.51
N MET B 293 5.86 -11.21 -29.00
CA MET B 293 6.87 -10.20 -29.30
C MET B 293 8.25 -10.64 -28.81
N LEU B 294 8.31 -11.17 -27.59
CA LEU B 294 9.61 -11.53 -27.05
C LEU B 294 10.21 -12.74 -27.76
N LYS B 295 9.38 -13.58 -28.41
CA LYS B 295 9.93 -14.68 -29.18
C LYS B 295 10.75 -14.21 -30.36
N GLY B 296 10.63 -12.94 -30.75
CA GLY B 296 11.45 -12.36 -31.80
C GLY B 296 12.74 -11.75 -31.30
N VAL B 297 13.01 -11.85 -30.01
CA VAL B 297 14.20 -11.33 -29.37
C VAL B 297 15.11 -12.51 -29.02
N ALA B 298 16.41 -12.28 -29.09
CA ALA B 298 17.40 -13.30 -28.69
C ALA B 298 17.18 -14.62 -29.41
N GLN B 299 16.75 -14.57 -30.67
CA GLN B 299 16.45 -15.76 -31.46
C GLN B 299 15.46 -16.70 -30.79
N GLY B 300 14.59 -16.16 -29.93
CA GLY B 300 13.59 -16.96 -29.28
C GLY B 300 14.03 -17.68 -28.03
N ARG B 301 15.26 -17.46 -27.56
CA ARG B 301 15.69 -18.09 -26.31
C ARG B 301 15.03 -17.37 -25.13
N LEU B 302 13.97 -17.98 -24.62
CA LEU B 302 13.00 -17.30 -23.77
C LEU B 302 12.56 -18.23 -22.65
N VAL B 303 12.68 -17.77 -21.41
CA VAL B 303 12.21 -18.52 -20.25
C VAL B 303 11.35 -17.59 -19.39
N LEU B 304 10.16 -18.06 -19.05
CA LEU B 304 9.24 -17.32 -18.18
C LEU B 304 9.22 -17.99 -16.81
N ALA B 305 9.14 -17.18 -15.75
CA ALA B 305 9.02 -17.69 -14.40
C ALA B 305 7.90 -16.94 -13.68
N LEU B 306 7.05 -17.68 -12.97
CA LEU B 306 5.90 -17.08 -12.32
C LEU B 306 6.35 -16.17 -11.18
N GLU B 307 5.83 -14.93 -11.16
CA GLU B 307 6.06 -14.01 -10.06
C GLU B 307 4.75 -13.87 -9.34
N GLY B 308 4.12 -12.70 -9.31
CA GLY B 308 2.87 -12.50 -8.62
C GLY B 308 1.64 -12.80 -9.47
N GLY B 309 0.48 -12.46 -8.92
CA GLY B 309 -0.79 -12.77 -9.57
C GLY B 309 -1.63 -13.54 -8.58
N TYR B 310 -2.73 -12.94 -8.14
CA TYR B 310 -3.39 -13.43 -6.93
C TYR B 310 -4.88 -13.71 -7.12
N ASN B 311 -5.45 -13.37 -8.27
CA ASN B 311 -6.77 -13.88 -8.63
C ASN B 311 -6.51 -15.24 -9.28
N LEU B 312 -7.00 -16.31 -8.64
CA LEU B 312 -6.68 -17.66 -9.09
C LEU B 312 -7.02 -17.88 -10.55
N GLN B 313 -8.23 -17.48 -10.97
CA GLN B 313 -8.64 -17.68 -12.36
C GLN B 313 -7.89 -16.75 -13.32
N SER B 314 -7.74 -15.47 -12.94
CA SER B 314 -7.09 -14.49 -13.81
C SER B 314 -5.64 -14.89 -14.06
N THR B 315 -4.93 -15.31 -13.01
CA THR B 315 -3.54 -15.72 -13.16
C THR B 315 -3.44 -16.99 -14.01
N ALA B 316 -4.34 -17.95 -13.79
CA ALA B 316 -4.31 -19.14 -14.64
C ALA B 316 -4.57 -18.79 -16.10
N GLU B 317 -5.51 -17.89 -16.37
CA GLU B 317 -5.75 -17.46 -17.75
C GLU B 317 -4.54 -16.77 -18.35
N GLY B 318 -3.86 -15.96 -17.54
CA GLY B 318 -2.65 -15.28 -18.02
C GLY B 318 -1.54 -16.25 -18.39
N VAL B 319 -1.29 -17.23 -17.51
CA VAL B 319 -0.31 -18.26 -17.80
C VAL B 319 -0.69 -19.02 -19.07
N CYS B 320 -1.96 -19.41 -19.19
CA CYS B 320 -2.39 -20.16 -20.38
C CYS B 320 -2.18 -19.34 -21.65
N ALA B 321 -2.52 -18.05 -21.59
CA ALA B 321 -2.29 -17.19 -22.75
C ALA B 321 -0.81 -17.13 -23.14
N SER B 322 0.07 -16.99 -22.15
CA SER B 322 1.51 -16.97 -22.44
C SER B 322 1.95 -18.31 -23.01
N MET B 323 1.45 -19.40 -22.43
CA MET B 323 1.85 -20.74 -22.84
C MET B 323 1.44 -21.03 -24.28
N ARG B 324 0.24 -20.59 -24.68
N ARG B 324 0.23 -20.62 -24.68
CA ARG B 324 -0.17 -20.77 -26.07
CA ARG B 324 -0.18 -20.82 -26.06
C ARG B 324 0.84 -20.15 -27.02
C ARG B 324 0.79 -20.17 -27.02
N SER B 325 1.33 -18.95 -26.70
N SER B 325 1.31 -19.00 -26.67
CA SER B 325 2.31 -18.33 -27.59
CA SER B 325 2.28 -18.34 -27.53
C SER B 325 3.65 -19.07 -27.56
C SER B 325 3.61 -19.10 -27.55
N LEU B 326 4.11 -19.49 -26.37
CA LEU B 326 5.32 -20.30 -26.32
C LEU B 326 5.22 -21.51 -27.24
N LEU B 327 4.06 -22.17 -27.23
CA LEU B 327 3.84 -23.37 -28.05
C LEU B 327 3.67 -23.07 -29.53
N GLY B 328 3.55 -21.81 -29.91
CA GLY B 328 3.40 -21.44 -31.32
C GLY B 328 1.98 -21.34 -31.83
N ASP B 329 0.98 -21.39 -30.95
CA ASP B 329 -0.39 -21.29 -31.38
C ASP B 329 -0.72 -19.88 -31.86
N PRO B 330 -1.72 -19.74 -32.73
CA PRO B 330 -2.08 -18.40 -33.22
C PRO B 330 -2.46 -17.48 -32.07
N CYS B 331 -2.04 -16.23 -32.19
CA CYS B 331 -2.40 -15.21 -31.23
C CYS B 331 -3.92 -15.06 -31.15
N PRO B 332 -4.43 -14.74 -29.97
CA PRO B 332 -5.87 -14.58 -29.79
C PRO B 332 -6.34 -13.23 -30.33
N HIS B 333 -7.66 -13.09 -30.40
CA HIS B 333 -8.25 -11.79 -30.62
C HIS B 333 -8.19 -10.99 -29.30
N LEU B 334 -7.74 -9.75 -29.38
CA LEU B 334 -7.63 -8.89 -28.21
C LEU B 334 -8.96 -8.21 -27.95
N PRO B 335 -9.58 -8.40 -26.78
CA PRO B 335 -10.91 -7.82 -26.53
C PRO B 335 -10.92 -6.32 -26.27
N SER B 336 -9.78 -5.68 -26.01
CA SER B 336 -9.77 -4.26 -25.66
C SER B 336 -9.35 -3.40 -26.85
N SER B 337 -9.47 -2.09 -26.65
CA SER B 337 -9.07 -1.14 -27.69
C SER B 337 -7.56 -1.22 -27.94
N GLY B 338 -7.18 -0.90 -29.17
CA GLY B 338 -5.77 -0.84 -29.49
C GLY B 338 -5.11 0.51 -29.27
N ALA B 339 -5.83 1.54 -28.85
CA ALA B 339 -5.25 2.87 -28.68
C ALA B 339 -4.78 3.06 -27.25
N PRO B 340 -3.51 3.38 -27.01
CA PRO B 340 -3.05 3.68 -25.65
C PRO B 340 -3.70 4.95 -25.12
N CYS B 341 -3.88 4.99 -23.81
CA CYS B 341 -4.50 6.15 -23.18
C CYS B 341 -3.45 7.26 -22.97
N GLU B 342 -3.96 8.47 -22.70
CA GLU B 342 -3.08 9.62 -22.55
C GLU B 342 -2.10 9.43 -21.39
N SER B 343 -2.55 8.83 -20.28
CA SER B 343 -1.66 8.65 -19.15
C SER B 343 -0.53 7.68 -19.48
N ALA B 344 -0.84 6.62 -20.23
CA ALA B 344 0.20 5.68 -20.63
C ALA B 344 1.21 6.35 -21.54
N LEU B 345 0.74 7.15 -22.49
CA LEU B 345 1.64 7.85 -23.40
C LEU B 345 2.52 8.83 -22.64
N LYS B 346 1.95 9.49 -21.63
CA LYS B 346 2.73 10.37 -20.77
C LYS B 346 3.86 9.61 -20.11
N SER B 347 3.57 8.43 -19.55
CA SER B 347 4.63 7.63 -18.93
C SER B 347 5.64 7.14 -19.94
N ILE B 348 5.17 6.62 -21.09
CA ILE B 348 6.10 6.11 -22.09
C ILE B 348 7.02 7.23 -22.58
N SER B 349 6.44 8.39 -22.88
CA SER B 349 7.25 9.50 -23.39
C SER B 349 8.29 9.93 -22.37
N LYS B 350 7.91 9.99 -21.09
CA LYS B 350 8.86 10.39 -20.07
C LYS B 350 9.96 9.36 -19.88
N THR B 351 9.64 8.06 -19.95
CA THR B 351 10.70 7.07 -19.86
C THR B 351 11.65 7.18 -21.06
N ILE B 352 11.09 7.38 -22.25
CA ILE B 352 11.93 7.58 -23.44
C ILE B 352 12.83 8.80 -23.25
N SER B 353 12.28 9.88 -22.70
CA SER B 353 13.09 11.06 -22.41
C SER B 353 14.21 10.74 -21.43
N ASP B 354 13.92 9.94 -20.40
CA ASP B 354 14.93 9.64 -19.39
C ASP B 354 16.01 8.70 -19.93
N LEU B 355 15.69 7.87 -20.91
CA LEU B 355 16.65 6.88 -21.40
C LEU B 355 17.32 7.32 -22.70
N TYR B 356 16.80 8.35 -23.35
CA TYR B 356 17.30 8.86 -24.63
C TYR B 356 18.82 8.91 -24.72
N PRO B 357 19.55 9.48 -23.75
CA PRO B 357 21.00 9.64 -23.91
C PRO B 357 21.79 8.35 -23.87
N PHE B 358 21.15 7.20 -23.63
CA PHE B 358 21.85 5.94 -23.55
C PHE B 358 21.51 4.99 -24.69
N TRP B 359 20.46 5.25 -25.46
CA TRP B 359 19.98 4.35 -26.50
C TRP B 359 19.69 5.15 -27.76
N LYS B 360 20.52 4.93 -28.79
CA LYS B 360 20.32 5.61 -30.06
C LYS B 360 18.93 5.35 -30.62
N SER B 361 18.40 4.14 -30.42
CA SER B 361 17.11 3.79 -30.99
C SER B 361 15.96 4.61 -30.41
N LEU B 362 16.14 5.20 -29.24
CA LEU B 362 15.13 6.06 -28.63
C LEU B 362 15.27 7.53 -29.03
N GLN B 363 16.29 7.87 -29.82
CA GLN B 363 16.48 9.24 -30.26
C GLN B 363 15.75 9.54 -31.57
N PHE C . -30.64 -10.28 13.06
CA PHE C . -31.02 -11.29 12.09
C PHE C . -30.32 -12.55 12.65
O PHE C . -29.80 -12.49 13.78
CB PHE C . -30.54 -10.94 10.69
CG PHE C . -29.11 -10.51 10.65
CD1 PHE C . -28.09 -11.43 10.51
CD2 PHE C . -28.78 -9.16 10.79
CE1 PHE C . -26.77 -11.04 10.49
CE2 PHE C . -27.44 -8.76 10.76
CZ PHE C . -26.44 -9.70 10.61
ZN ZN D . -5.01 9.86 5.61
K K E . -9.95 6.03 8.98
K K F . -10.57 -0.30 21.89
C10 P7D G . 4.47 9.39 0.73
C10 P7D G . 5.33 7.76 -0.90
C15 P7D G . 2.36 6.62 3.63
C15 P7D G . 2.46 6.79 3.56
C17 P7D G . 0.37 7.74 3.79
C17 P7D G . 0.42 7.83 3.73
C20 P7D G . -2.05 9.90 5.72
C20 P7D G . -2.00 9.95 5.75
C24 P7D G . 0.54 7.30 2.49
C24 P7D G . 0.50 7.17 2.52
C01 P7D G . 6.96 10.94 -0.64
C01 P7D G . 4.63 11.54 -0.55
C03 P7D G . 5.73 10.28 -2.64
C03 P7D G . 5.62 12.42 -2.61
C04 P7D G . 4.54 11.43 -0.78
C04 P7D G . 5.40 9.90 -2.39
C05 P7D G . 4.00 10.07 -0.37
C05 P7D G . 4.67 8.81 -1.56
C06 P7D G . 3.02 9.40 -1.11
C06 P7D G . 3.29 8.81 -1.40
C07 P7D G . 2.53 8.14 -0.73
C07 P7D G . 2.61 7.83 -0.64
C08 P7D G . 3.01 7.42 0.37
C08 P7D G . 3.23 6.76 0.03
C09 P7D G . 3.98 8.14 1.08
C09 P7D G . 4.63 6.80 -0.14
C16 P7D G . 1.54 7.29 4.52
C16 P7D G . 1.67 7.56 4.40
C18 P7D G . -0.74 8.45 4.33
C18 P7D G . -0.69 8.57 4.26
C19 P7D G . -0.77 9.33 5.34
C19 P7D G . -0.75 9.34 5.37
N02 P7D G . 5.83 11.32 -1.54
N02 P7D G . 5.62 11.25 -1.66
N14 P7D G . 1.76 6.57 2.33
N14 P7D G . 1.75 6.50 2.34
N22 P7D G . -2.76 9.66 6.89
N22 P7D G . -2.74 9.72 6.92
O12 P7D G . 3.44 5.01 1.28
O12 P7D G . 3.16 4.57 1.50
O13 P7D G . 1.37 5.44 0.08
O13 P7D G . 1.20 5.13 0.26
O21 P7D G . -2.68 10.67 4.98
O21 P7D G . -2.62 10.75 5.00
O23 P7D G . -3.96 10.30 7.03
O23 P7D G . -3.92 10.41 7.06
S11 P7D G . 2.42 5.91 0.90
S11 P7D G . 2.33 5.58 0.97
H1 P7D G . 5.13 9.79 1.25
H1 P7D G . 6.26 7.72 -0.98
H2 P7D G . 3.19 6.22 3.80
H2 P7D G . 3.32 6.47 3.72
H3 P7D G . -0.02 7.42 1.76
H3 P7D G . -0.14 7.13 1.84
H4 P7D G . 7.17 11.64 -0.01
H4 P7D G . 4.47 10.77 0.02
H5 P7D G . 7.78 10.80 -1.14
H5 P7D G . 3.75 11.77 -0.90
H6 P7D G . 6.86 10.12 -0.12
H6 P7D G . 4.84 12.28 0.06
H7 P7D G . 5.00 10.39 -3.28
H7 P7D G . 4.78 12.60 -3.06
H8 P7D G . 5.59 9.39 -2.28
H8 P7D G . 6.27 12.28 -3.32
H9 P7D G . 6.54 10.21 -3.16
H9 P7D G . 5.89 13.24 -2.17
H10 P7D G . 4.64 12.02 -0.01
H10 P7D G . 6.23 9.56 -2.75
H11 P7D G . 3.88 11.90 -1.31
H11 P7D G . 4.91 10.06 -3.21
H12 P7D G . 2.66 9.80 -1.87
H12 P7D G . 2.78 9.47 -1.81
H13 P7D G . 1.88 7.76 -1.26
H13 P7D G . 1.69 7.91 -0.59
H14 P7D G . 4.35 7.76 1.85
H14 P7D G . 5.15 6.14 0.26
H15 P7D G . 1.69 7.43 5.43
H15 P7D G . 1.91 7.88 5.25
H16 P7D G . -1.57 8.29 3.95
H16 P7D G . -1.50 8.50 3.82
H17 P7D G . -0.02 9.58 5.84
H17 P7D G . -0.02 9.48 5.93
H19 P7D G . -2.49 9.15 7.52
H19 P7D G . -2.48 9.20 7.55
H20 P7D G . -4.09 10.17 7.86
H20 P7D G . -4.03 10.32 7.90
C1 EDO H . -24.01 20.62 26.76
O1 EDO H . -23.09 21.26 25.87
C2 EDO H . -23.33 20.38 28.11
O2 EDO H . -22.02 19.85 27.90
ZN ZN I . 3.42 -8.36 -8.13
K K J . 7.23 -5.07 -13.15
K K K . 21.36 -3.40 -15.22
C10 P7D L . -1.34 -7.54 0.83
C15 P7D L . 3.72 -6.16 -0.67
C17 P7D L . 3.21 -7.05 -2.69
C20 P7D L . 4.04 -9.26 -5.60
C24 P7D L . 2.17 -6.25 -2.30
C01 P7D L . -2.94 -7.94 3.99
C03 P7D L . -0.90 -8.90 4.99
C04 P7D L . -1.47 -9.45 2.57
C05 P7D L . -0.78 -8.26 1.88
C06 P7D L . 0.49 -7.83 2.28
C07 P7D L . 1.13 -6.75 1.68
C08 P7D L . 0.58 -5.99 0.65
C09 P7D L . -0.66 -6.46 0.24
C16 P7D L . 4.20 -6.97 -1.66
C18 P7D L . 3.41 -7.76 -3.93
C19 P7D L . 3.97 -8.94 -4.21
N02 P7D L . -2.01 -9.12 3.96
N14 P7D L . 2.43 -5.66 -1.04
N22 P7D L . 5.17 -9.18 -6.39
O12 P7D L . 2.26 -4.05 0.84
O13 P7D L . 0.58 -3.93 -0.93
O21 P7D L . 3.05 -9.54 -6.31
O23 P7D L . 5.02 -9.47 -7.70
S11 P7D L . 1.43 -4.70 -0.09
H1 P7D L . -2.18 -7.79 0.52
H2 P7D L . 4.12 -5.94 0.13
H3 P7D L . 1.37 -6.08 -2.75
H4 P7D L . -2.47 -7.10 3.92
H5 P7D L . -3.41 -7.88 4.83
H6 P7D L . -3.65 -7.91 3.32
H7 P7D L . -0.26 -9.62 5.09
H8 P7D L . -0.37 -8.13 4.78
H9 P7D L . -1.25 -8.74 5.87
H10 P7D L . -2.18 -9.81 2.00
H11 P7D L . -0.88 -10.20 2.62
H12 P7D L . 0.92 -8.26 2.98
H13 P7D L . 1.97 -6.51 2.00
H14 P7D L . -1.10 -6.03 -0.45
H15 P7D L . 5.03 -7.40 -1.67
H16 P7D L . 3.15 -7.29 -4.69
H17 P7D L . 4.31 -9.54 -3.58
H19 P7D L . 5.96 -8.99 -6.10
H20 P7D L . 4.92 -8.69 -8.01
C1 EDO M . -3.40 -18.71 2.58
O1 EDO M . -2.85 -20.03 2.45
C2 EDO M . -4.10 -18.39 1.27
O2 EDO M . -5.42 -17.91 1.49
C1 EDO N . 2.47 -12.25 6.55
O1 EDO N . 1.26 -12.18 7.30
C2 EDO N . 3.53 -11.40 7.23
O2 EDO N . 4.23 -12.22 8.17
#